data_5S9Z
#
_entry.id   5S9Z
#
_cell.length_a   79.779
_cell.length_b   108.468
_cell.length_c   112.036
_cell.angle_alpha   90.000
_cell.angle_beta   90.000
_cell.angle_gamma   90.000
#
_symmetry.space_group_name_H-M   'P 21 21 21'
#
loop_
_entity.id
_entity.type
_entity.pdbx_description
1 polymer 'N(1),N(8)-bis(glutathionyl)spermidine reductase'
2 non-polymer 'FLAVIN-ADENINE DINUCLEOTIDE'
3 non-polymer 'DIMETHYL SULFOXIDE'
4 non-polymer 1-[4-(3-phenylpropyl)piperazin-1-yl]ethan-1-one
5 non-polymer 'MAGNESIUM ION'
6 non-polymer 'BROMIDE ION'
7 water water
#
_entity_poly.entity_id   1
_entity_poly.type   'polypeptide(L)'
_entity_poly.pdbx_seq_one_letter_code
;GSHMSKAFDLVVIGAGSGGLEAGWNAATLYGKRVAVVDVQTSHGPPFYAALGGTCVNVGCVPKKLMVTGAQYMDHLRESA
GFGWEFDGSSVKANWKKLIAAKNEAVLDINKSYEGMFNDTEGLDFFLGWGSLESKNVVVVRETADPKSAVKERLQADHIL
LATGSWPQMPAIPGIEHCISSNEAFYLPEPPRRVLTVGGGFISVEFAGIFNAYKPPGGKVTLCYRNNLILRGFDETIREE
VTKQLTANGIEIMTNENPAKVSLNTDGSKHVTFESGKTLDVDVVMMAIGRIPRTNDLQLGNVGVKLTPKGGVQVDEFSRT
NVPNIYAIGDITDRLMLTPVAINEGAALVDTVFGNKPRKTDHTRVASAVFSIPPIGTCGLIEEVAAKEFEKVAVYMSSFT
PLMHNISGSKYKKFVAKIVTNHSDGTVLGVHLLGDGAPEIIQAVGVCLRLNAKISDFYNTIGVHPTSAEELCSMRTPSYY
YVKGEKMEKLPDSNL
;
_entity_poly.pdbx_strand_id   A,B
#
loop_
_chem_comp.id
_chem_comp.type
_chem_comp.name
_chem_comp.formula
BR non-polymer 'BROMIDE ION' 'Br -1'
DMS non-polymer 'DIMETHYL SULFOXIDE' 'C2 H6 O S'
FAD non-polymer 'FLAVIN-ADENINE DINUCLEOTIDE' 'C27 H33 N9 O15 P2'
MG non-polymer 'MAGNESIUM ION' 'Mg 2'
O3J non-polymer 1-[4-(3-phenylpropyl)piperazin-1-yl]ethan-1-one 'C15 H22 N2 O'
#
# COMPACT_ATOMS: atom_id res chain seq x y z
N LYS A 6 25.04 -21.38 33.81
CA LYS A 6 23.86 -21.19 34.72
C LYS A 6 23.73 -19.71 35.15
N ALA A 7 24.77 -18.90 34.96
CA ALA A 7 24.75 -17.44 35.23
C ALA A 7 24.58 -16.70 33.91
N PHE A 8 23.61 -15.78 33.85
CA PHE A 8 23.36 -14.95 32.64
C PHE A 8 23.29 -13.47 33.02
N ASP A 9 23.83 -12.63 32.14
CA ASP A 9 23.56 -11.17 32.15
C ASP A 9 22.04 -10.96 32.11
N LEU A 10 21.36 -11.56 31.14
CA LEU A 10 19.89 -11.39 30.94
C LEU A 10 19.23 -12.77 30.78
N VAL A 11 18.20 -13.03 31.57
CA VAL A 11 17.22 -14.15 31.38
C VAL A 11 15.87 -13.56 30.96
N VAL A 12 15.36 -14.06 29.84
CA VAL A 12 14.08 -13.64 29.22
C VAL A 12 13.12 -14.81 29.35
N ILE A 13 11.96 -14.57 29.93
CA ILE A 13 10.87 -15.57 29.96
C ILE A 13 9.85 -15.22 28.86
N GLY A 14 9.76 -16.10 27.86
CA GLY A 14 8.97 -15.96 26.64
C GLY A 14 9.85 -15.60 25.46
N ALA A 15 9.97 -16.50 24.50
CA ALA A 15 10.76 -16.33 23.26
C ALA A 15 9.81 -15.80 22.20
N GLY A 16 9.16 -14.66 22.49
CA GLY A 16 8.16 -14.06 21.60
C GLY A 16 8.69 -12.78 20.97
N SER A 17 7.78 -11.97 20.45
CA SER A 17 8.09 -10.76 19.66
C SER A 17 9.05 -9.90 20.50
N GLY A 18 8.65 -9.55 21.71
CA GLY A 18 9.45 -8.69 22.62
C GLY A 18 10.67 -9.43 23.15
N GLY A 19 10.50 -10.68 23.57
CA GLY A 19 11.57 -11.44 24.24
C GLY A 19 12.75 -11.69 23.32
N LEU A 20 12.48 -12.04 22.06
CA LEU A 20 13.54 -12.35 21.09
C LEU A 20 14.26 -11.07 20.66
N GLU A 21 13.54 -9.96 20.48
CA GLU A 21 14.21 -8.69 20.13
C GLU A 21 15.22 -8.37 21.24
N ALA A 22 14.77 -8.37 22.49
CA ALA A 22 15.61 -8.04 23.66
C ALA A 22 16.80 -9.03 23.72
N GLY A 23 16.51 -10.33 23.65
CA GLY A 23 17.51 -11.39 23.66
C GLY A 23 18.59 -11.23 22.62
N TRP A 24 18.21 -11.21 21.34
N TRP A 24 18.21 -11.10 21.34
CA TRP A 24 19.12 -11.06 20.17
CA TRP A 24 19.14 -11.08 20.17
C TRP A 24 19.97 -9.80 20.37
C TRP A 24 19.94 -9.76 20.11
N ASN A 25 19.32 -8.64 20.47
CA ASN A 25 20.01 -7.33 20.56
C ASN A 25 21.05 -7.37 21.67
N ALA A 26 20.67 -7.83 22.84
CA ALA A 26 21.58 -7.88 24.00
C ALA A 26 22.83 -8.67 23.57
N ALA A 27 22.64 -9.84 22.95
CA ALA A 27 23.74 -10.76 22.57
C ALA A 27 24.58 -10.16 21.46
N THR A 28 23.97 -9.74 20.35
CA THR A 28 24.71 -9.35 19.13
C THR A 28 25.22 -7.91 19.22
N LEU A 29 24.54 -7.01 19.94
CA LEU A 29 24.90 -5.55 19.94
C LEU A 29 25.82 -5.25 21.13
N TYR A 30 25.63 -5.90 22.27
CA TYR A 30 26.30 -5.60 23.56
C TYR A 30 27.01 -6.85 24.09
N GLY A 31 27.27 -7.82 23.19
CA GLY A 31 27.95 -9.09 23.53
C GLY A 31 27.58 -9.56 24.91
N LYS A 32 26.30 -9.49 25.28
CA LYS A 32 25.82 -9.97 26.60
C LYS A 32 25.50 -11.48 26.54
N ARG A 33 25.35 -12.12 27.70
CA ARG A 33 25.07 -13.57 27.81
C ARG A 33 23.62 -13.76 28.25
N VAL A 34 22.81 -14.35 27.37
CA VAL A 34 21.32 -14.31 27.45
C VAL A 34 20.76 -15.73 27.45
N ALA A 35 19.87 -15.99 28.40
CA ALA A 35 18.99 -17.19 28.43
C ALA A 35 17.58 -16.80 27.99
N VAL A 36 17.01 -17.47 26.99
CA VAL A 36 15.56 -17.30 26.68
C VAL A 36 14.78 -18.59 26.95
N VAL A 37 13.71 -18.49 27.74
CA VAL A 37 12.81 -19.62 28.14
C VAL A 37 11.54 -19.58 27.28
N ASP A 38 11.13 -20.72 26.73
CA ASP A 38 9.73 -20.89 26.24
C ASP A 38 9.28 -22.35 26.45
N VAL A 39 7.99 -22.57 26.38
CA VAL A 39 7.34 -23.85 26.76
C VAL A 39 7.33 -24.81 25.58
N GLN A 40 7.67 -24.33 24.38
CA GLN A 40 7.52 -25.14 23.14
C GLN A 40 8.44 -24.61 22.04
N THR A 41 8.93 -25.48 21.16
CA THR A 41 9.95 -25.09 20.14
C THR A 41 9.26 -24.84 18.79
N SER A 42 8.04 -25.31 18.62
CA SER A 42 7.30 -25.12 17.34
C SER A 42 5.83 -25.02 17.66
N HIS A 43 5.05 -24.63 16.67
CA HIS A 43 3.66 -24.15 16.80
C HIS A 43 2.72 -25.29 17.18
N GLY A 44 1.63 -24.92 17.86
CA GLY A 44 0.37 -25.66 17.89
C GLY A 44 0.15 -26.34 19.24
N PRO A 45 -0.86 -27.22 19.34
CA PRO A 45 -1.19 -27.85 20.61
C PRO A 45 0.03 -28.60 21.15
N PRO A 46 0.20 -28.72 22.48
CA PRO A 46 -0.77 -28.25 23.46
C PRO A 46 -0.78 -26.77 23.88
N PHE A 47 0.34 -26.03 23.69
CA PHE A 47 0.52 -24.66 24.28
C PHE A 47 0.42 -23.54 23.22
N TYR A 48 0.33 -23.89 21.94
CA TYR A 48 -0.03 -23.00 20.79
C TYR A 48 1.11 -22.04 20.48
N ALA A 49 1.41 -21.10 21.38
CA ALA A 49 2.59 -20.22 21.26
C ALA A 49 3.82 -21.06 21.55
N ALA A 50 4.95 -20.66 21.01
CA ALA A 50 6.21 -21.43 21.00
C ALA A 50 7.31 -20.42 20.68
N LEU A 51 8.55 -20.89 20.63
CA LEU A 51 9.69 -20.19 19.97
C LEU A 51 9.16 -19.32 18.83
N GLY A 52 9.35 -18.00 18.92
CA GLY A 52 8.86 -17.02 17.93
C GLY A 52 7.70 -16.20 18.48
N GLY A 53 6.89 -16.80 19.34
CA GLY A 53 5.85 -16.16 20.16
C GLY A 53 4.49 -16.25 19.52
N THR A 54 3.54 -15.51 20.05
CA THR A 54 2.11 -15.60 19.68
C THR A 54 1.93 -15.17 18.21
N CYS A 55 2.54 -14.06 17.83
CA CYS A 55 2.39 -13.53 16.46
C CYS A 55 2.78 -14.59 15.42
N VAL A 56 3.96 -15.19 15.61
CA VAL A 56 4.56 -16.16 14.65
C VAL A 56 3.68 -17.41 14.60
N ASN A 57 3.29 -17.92 15.76
CA ASN A 57 2.72 -19.29 15.89
C ASN A 57 1.20 -19.25 15.68
N VAL A 58 0.49 -18.35 16.37
CA VAL A 58 -1.00 -18.31 16.38
C VAL A 58 -1.48 -16.85 16.40
N GLY A 59 -0.89 -16.02 15.55
CA GLY A 59 -1.21 -14.59 15.51
C GLY A 59 -0.99 -13.98 14.15
N CYS A 60 -0.33 -12.82 14.13
CA CYS A 60 -0.24 -11.95 12.93
C CYS A 60 0.10 -12.81 11.71
N VAL A 61 1.12 -13.65 11.82
CA VAL A 61 1.76 -14.34 10.66
C VAL A 61 0.77 -15.33 10.02
N PRO A 62 0.29 -16.37 10.74
CA PRO A 62 -0.71 -17.28 10.18
C PRO A 62 -2.02 -16.59 9.81
N LYS A 63 -2.50 -15.65 10.64
CA LYS A 63 -3.75 -14.87 10.42
C LYS A 63 -3.65 -14.19 9.05
N LYS A 64 -2.53 -13.53 8.78
CA LYS A 64 -2.34 -12.74 7.54
C LYS A 64 -2.33 -13.70 6.34
N LEU A 65 -1.67 -14.84 6.44
CA LEU A 65 -1.69 -15.85 5.35
C LEU A 65 -3.12 -16.29 5.11
N MET A 66 -3.90 -16.47 6.19
CA MET A 66 -5.27 -16.99 6.06
C MET A 66 -6.20 -15.92 5.51
N VAL A 67 -6.01 -14.65 5.88
CA VAL A 67 -6.79 -13.54 5.29
C VAL A 67 -6.43 -13.46 3.81
N THR A 68 -5.17 -13.57 3.45
CA THR A 68 -4.72 -13.53 2.03
C THR A 68 -5.45 -14.65 1.27
N GLY A 69 -5.49 -15.86 1.82
CA GLY A 69 -6.30 -16.94 1.24
C GLY A 69 -7.75 -16.51 1.04
N ALA A 70 -8.36 -15.98 2.09
CA ALA A 70 -9.77 -15.54 2.09
C ALA A 70 -10.02 -14.50 1.00
N GLN A 71 -9.02 -13.63 0.73
CA GLN A 71 -9.18 -12.55 -0.25
C GLN A 71 -9.44 -13.14 -1.64
N TYR A 72 -8.99 -14.36 -1.94
CA TYR A 72 -9.24 -14.95 -3.28
C TYR A 72 -10.72 -15.13 -3.55
N MET A 73 -11.59 -15.29 -2.52
CA MET A 73 -13.04 -15.34 -2.80
C MET A 73 -13.44 -14.08 -3.55
N ASP A 74 -12.95 -12.94 -3.07
CA ASP A 74 -13.28 -11.65 -3.72
C ASP A 74 -12.56 -11.56 -5.07
N HIS A 75 -11.27 -11.87 -5.15
CA HIS A 75 -10.53 -11.73 -6.45
C HIS A 75 -11.20 -12.58 -7.56
N LEU A 76 -11.52 -13.84 -7.27
CA LEU A 76 -12.15 -14.75 -8.26
C LEU A 76 -13.43 -14.10 -8.78
N ARG A 77 -14.25 -13.53 -7.89
CA ARG A 77 -15.53 -12.91 -8.30
C ARG A 77 -15.21 -11.66 -9.10
N GLU A 78 -14.35 -10.79 -8.54
CA GLU A 78 -14.06 -9.45 -9.07
C GLU A 78 -13.40 -9.55 -10.44
N SER A 79 -12.69 -10.63 -10.71
CA SER A 79 -11.95 -10.83 -11.98
C SER A 79 -12.91 -10.71 -13.17
N ALA A 80 -14.18 -11.05 -12.99
CA ALA A 80 -15.20 -11.11 -14.07
C ALA A 80 -15.38 -9.74 -14.69
N GLY A 81 -15.36 -8.70 -13.86
CA GLY A 81 -15.52 -7.31 -14.29
C GLY A 81 -14.41 -6.90 -15.23
N PHE A 82 -13.25 -7.57 -15.15
CA PHE A 82 -12.04 -7.26 -15.96
C PHE A 82 -11.95 -8.25 -17.15
N GLY A 83 -12.99 -9.06 -17.35
CA GLY A 83 -13.08 -9.97 -18.50
C GLY A 83 -12.64 -11.40 -18.17
N TRP A 84 -12.32 -11.74 -16.93
CA TRP A 84 -11.89 -13.11 -16.62
C TRP A 84 -13.13 -14.00 -16.63
N GLU A 85 -13.02 -15.14 -17.31
CA GLU A 85 -14.15 -16.07 -17.48
C GLU A 85 -13.65 -17.43 -17.02
N PHE A 86 -14.47 -18.12 -16.22
CA PHE A 86 -14.22 -19.53 -15.88
C PHE A 86 -15.49 -20.11 -15.29
N ASP A 87 -15.45 -21.41 -15.04
CA ASP A 87 -16.57 -22.17 -14.47
C ASP A 87 -16.66 -21.89 -12.97
N GLY A 88 -17.49 -20.92 -12.61
CA GLY A 88 -17.75 -20.50 -11.22
C GLY A 88 -18.26 -21.66 -10.42
N SER A 89 -19.03 -22.57 -11.05
CA SER A 89 -19.60 -23.78 -10.40
C SER A 89 -18.46 -24.72 -9.96
N SER A 90 -17.27 -24.65 -10.56
CA SER A 90 -16.10 -25.53 -10.22
C SER A 90 -15.32 -24.99 -9.01
N VAL A 91 -15.63 -23.78 -8.52
CA VAL A 91 -14.78 -23.12 -7.49
C VAL A 91 -14.99 -23.83 -6.15
N LYS A 92 -13.91 -24.28 -5.53
CA LYS A 92 -13.93 -24.91 -4.18
C LYS A 92 -12.86 -24.23 -3.35
N ALA A 93 -13.14 -23.94 -2.08
CA ALA A 93 -12.11 -23.43 -1.16
C ALA A 93 -11.63 -24.58 -0.29
N ASN A 94 -10.39 -24.98 -0.49
CA ASN A 94 -9.80 -26.13 0.23
C ASN A 94 -9.07 -25.62 1.48
N TRP A 95 -9.80 -25.66 2.59
CA TRP A 95 -9.32 -25.19 3.91
C TRP A 95 -8.17 -26.08 4.35
N LYS A 96 -8.26 -27.38 4.09
CA LYS A 96 -7.22 -28.31 4.53
C LYS A 96 -5.87 -27.93 3.89
N LYS A 97 -5.90 -27.57 2.60
N LYS A 97 -5.87 -27.55 2.61
CA LYS A 97 -4.70 -27.08 1.85
CA LYS A 97 -4.64 -27.12 1.92
C LYS A 97 -4.15 -25.83 2.55
C LYS A 97 -4.14 -25.81 2.57
N LEU A 98 -5.03 -24.85 2.83
CA LEU A 98 -4.61 -23.56 3.48
C LEU A 98 -3.87 -23.85 4.80
N ILE A 99 -4.47 -24.70 5.63
CA ILE A 99 -3.93 -24.97 6.99
C ILE A 99 -2.60 -25.70 6.86
N ALA A 100 -2.45 -26.66 5.94
CA ALA A 100 -1.15 -27.35 5.72
C ALA A 100 -0.10 -26.33 5.27
N ALA A 101 -0.44 -25.44 4.34
CA ALA A 101 0.51 -24.43 3.82
C ALA A 101 0.90 -23.51 4.98
N LYS A 102 -0.08 -23.03 5.75
CA LYS A 102 0.21 -22.16 6.92
C LYS A 102 1.11 -22.91 7.93
N ASN A 103 0.82 -24.19 8.22
CA ASN A 103 1.63 -24.98 9.20
C ASN A 103 3.08 -25.03 8.74
N GLU A 104 3.27 -25.30 7.45
CA GLU A 104 4.64 -25.43 6.91
C GLU A 104 5.31 -24.05 7.05
N ALA A 105 4.58 -22.98 6.73
CA ALA A 105 5.14 -21.60 6.79
C ALA A 105 5.60 -21.30 8.22
N VAL A 106 4.74 -21.58 9.19
CA VAL A 106 5.04 -21.30 10.61
C VAL A 106 6.20 -22.19 11.05
N LEU A 107 6.17 -23.50 10.73
CA LEU A 107 7.28 -24.37 11.19
C LEU A 107 8.64 -23.86 10.70
N ASP A 108 8.72 -23.41 9.45
CA ASP A 108 9.97 -22.86 8.86
C ASP A 108 10.44 -21.66 9.70
N ILE A 109 9.52 -20.77 10.10
CA ILE A 109 9.91 -19.66 11.01
C ILE A 109 10.37 -20.23 12.35
N ASN A 110 9.69 -21.23 12.90
CA ASN A 110 10.13 -21.84 14.18
C ASN A 110 11.58 -22.30 14.00
N LYS A 111 11.84 -23.01 12.91
CA LYS A 111 13.19 -23.57 12.63
C LYS A 111 14.16 -22.42 12.37
N SER A 112 13.70 -21.35 11.75
CA SER A 112 14.61 -20.21 11.44
C SER A 112 15.07 -19.59 12.77
N TYR A 113 14.20 -19.48 13.78
CA TYR A 113 14.57 -18.96 15.13
C TYR A 113 15.47 -19.95 15.86
N GLU A 114 15.23 -21.24 15.66
CA GLU A 114 16.08 -22.27 16.30
C GLU A 114 17.51 -22.03 15.80
N GLY A 115 17.66 -21.83 14.48
CA GLY A 115 18.94 -21.52 13.83
C GLY A 115 19.59 -20.32 14.50
N MET A 116 18.84 -19.22 14.60
CA MET A 116 19.29 -17.96 15.26
C MET A 116 19.94 -18.30 16.61
N PHE A 117 19.29 -19.08 17.47
CA PHE A 117 19.81 -19.41 18.84
C PHE A 117 21.09 -20.27 18.79
N ASN A 118 21.13 -21.23 17.86
CA ASN A 118 22.29 -22.15 17.67
C ASN A 118 23.50 -21.32 17.22
N ASP A 119 23.27 -20.47 16.22
CA ASP A 119 24.30 -19.66 15.52
C ASP A 119 24.66 -18.36 16.26
N THR A 120 24.31 -18.22 17.54
CA THR A 120 24.53 -16.95 18.28
C THR A 120 25.19 -17.24 19.63
N GLU A 121 26.43 -16.77 19.78
CA GLU A 121 27.21 -16.93 21.03
C GLU A 121 26.48 -16.20 22.17
N GLY A 122 26.31 -16.87 23.32
CA GLY A 122 25.74 -16.33 24.56
C GLY A 122 24.25 -16.13 24.49
N LEU A 123 23.63 -16.53 23.38
CA LEU A 123 22.14 -16.60 23.24
C LEU A 123 21.72 -18.07 23.31
N ASP A 124 21.18 -18.52 24.44
CA ASP A 124 20.77 -19.93 24.59
C ASP A 124 19.28 -20.02 24.94
N PHE A 125 18.60 -20.99 24.30
CA PHE A 125 17.18 -21.34 24.53
C PHE A 125 17.08 -22.46 25.55
N PHE A 126 16.22 -22.28 26.55
CA PHE A 126 15.84 -23.31 27.55
C PHE A 126 14.36 -23.61 27.34
N LEU A 127 13.99 -24.89 27.40
CA LEU A 127 12.62 -25.38 27.16
C LEU A 127 11.99 -25.70 28.50
N GLY A 128 10.75 -25.25 28.68
CA GLY A 128 10.02 -25.43 29.94
C GLY A 128 9.44 -24.12 30.39
N TRP A 129 8.91 -24.14 31.62
CA TRP A 129 8.12 -23.05 32.22
C TRP A 129 9.00 -22.21 33.14
N GLY A 130 9.20 -20.94 32.75
CA GLY A 130 9.87 -19.93 33.59
C GLY A 130 8.95 -19.42 34.66
N SER A 131 9.45 -19.39 35.90
CA SER A 131 8.86 -18.65 37.04
C SER A 131 10.00 -17.98 37.82
N LEU A 132 9.65 -17.04 38.70
CA LEU A 132 10.63 -16.30 39.55
C LEU A 132 10.69 -17.01 40.92
N GLU A 133 11.88 -17.50 41.25
CA GLU A 133 12.19 -18.03 42.60
C GLU A 133 12.52 -16.84 43.49
N SER A 134 13.46 -16.01 43.02
CA SER A 134 14.02 -14.83 43.71
C SER A 134 14.45 -13.75 42.70
N LYS A 135 14.69 -12.53 43.21
CA LYS A 135 15.06 -11.30 42.43
C LYS A 135 16.08 -11.62 41.32
N ASN A 136 16.86 -12.69 41.44
CA ASN A 136 18.02 -12.95 40.55
C ASN A 136 18.08 -14.42 40.08
N VAL A 137 17.04 -15.21 40.34
CA VAL A 137 17.00 -16.64 39.93
C VAL A 137 15.69 -16.95 39.20
N VAL A 138 15.80 -17.36 37.94
CA VAL A 138 14.64 -17.93 37.19
C VAL A 138 14.78 -19.45 37.27
N VAL A 139 13.70 -20.13 37.62
CA VAL A 139 13.67 -21.62 37.61
C VAL A 139 12.85 -22.03 36.38
N VAL A 140 13.37 -22.96 35.58
CA VAL A 140 12.62 -23.57 34.44
C VAL A 140 12.12 -24.95 34.87
N ARG A 141 10.80 -25.10 34.98
CA ARG A 141 10.13 -26.35 35.43
C ARG A 141 9.60 -27.12 34.21
N GLU A 142 9.24 -28.39 34.40
CA GLU A 142 8.74 -29.29 33.31
C GLU A 142 7.33 -28.86 32.92
N THR A 143 6.51 -28.42 33.89
CA THR A 143 5.14 -27.95 33.61
C THR A 143 4.93 -26.58 34.28
N ALA A 144 3.73 -26.05 34.08
CA ALA A 144 3.21 -24.78 34.64
C ALA A 144 2.91 -24.95 36.12
N ASP A 145 2.78 -26.19 36.60
CA ASP A 145 2.66 -26.48 38.05
C ASP A 145 3.95 -26.07 38.74
N PRO A 146 3.91 -25.16 39.74
CA PRO A 146 5.12 -24.82 40.50
C PRO A 146 5.76 -26.03 41.20
N LYS A 147 5.07 -27.18 41.23
CA LYS A 147 5.49 -28.43 41.93
C LYS A 147 6.17 -29.42 40.97
N SER A 148 6.26 -29.13 39.67
CA SER A 148 6.88 -30.03 38.66
C SER A 148 8.40 -29.94 38.79
N ALA A 149 9.12 -30.80 38.08
CA ALA A 149 10.59 -30.97 38.16
C ALA A 149 11.33 -29.72 37.66
N VAL A 150 12.33 -29.27 38.39
CA VAL A 150 13.24 -28.16 37.98
C VAL A 150 14.23 -28.67 36.90
N LYS A 151 14.08 -28.25 35.65
CA LYS A 151 15.02 -28.61 34.57
C LYS A 151 16.25 -27.72 34.68
N GLU A 152 16.10 -26.48 35.18
CA GLU A 152 17.20 -25.50 35.25
C GLU A 152 16.98 -24.43 36.33
N ARG A 153 18.10 -23.91 36.84
CA ARG A 153 18.20 -22.76 37.78
C ARG A 153 19.13 -21.73 37.11
N LEU A 154 18.54 -20.63 36.62
CA LEU A 154 19.28 -19.58 35.87
C LEU A 154 19.48 -18.37 36.79
N GLN A 155 20.73 -18.00 37.00
CA GLN A 155 21.13 -16.76 37.72
C GLN A 155 21.15 -15.63 36.69
N ALA A 156 20.63 -14.47 37.09
CA ALA A 156 20.25 -13.34 36.21
C ALA A 156 20.62 -12.01 36.86
N ASP A 157 21.59 -11.29 36.29
CA ASP A 157 21.89 -9.87 36.62
C ASP A 157 20.64 -9.04 36.28
N HIS A 158 19.89 -9.44 35.25
CA HIS A 158 18.65 -8.79 34.76
C HIS A 158 17.63 -9.81 34.26
N ILE A 159 16.36 -9.65 34.63
CA ILE A 159 15.24 -10.57 34.27
C ILE A 159 14.15 -9.83 33.46
N LEU A 160 13.90 -10.28 32.23
CA LEU A 160 12.81 -9.74 31.35
C LEU A 160 11.64 -10.71 31.29
N LEU A 161 10.48 -10.25 31.75
CA LEU A 161 9.16 -10.92 31.62
C LEU A 161 8.52 -10.52 30.29
N ALA A 162 8.29 -11.51 29.40
CA ALA A 162 7.78 -11.30 28.03
C ALA A 162 6.94 -12.50 27.64
N THR A 163 5.97 -12.85 28.47
CA THR A 163 5.21 -14.12 28.41
C THR A 163 3.92 -13.88 27.63
N GLY A 164 3.68 -12.64 27.23
CA GLY A 164 2.58 -12.23 26.36
C GLY A 164 1.22 -12.38 27.03
N SER A 165 0.21 -12.75 26.23
CA SER A 165 -1.22 -12.80 26.60
C SER A 165 -1.83 -14.15 26.19
N TRP A 166 -3.12 -14.28 26.42
CA TRP A 166 -3.83 -15.57 26.28
C TRP A 166 -5.29 -15.22 26.14
N PRO A 167 -6.07 -15.98 25.36
CA PRO A 167 -7.45 -15.60 25.14
C PRO A 167 -8.23 -15.71 26.45
N GLN A 168 -9.14 -14.77 26.67
CA GLN A 168 -10.12 -14.83 27.78
C GLN A 168 -11.35 -15.59 27.29
N MET A 169 -11.81 -16.55 28.08
CA MET A 169 -13.00 -17.37 27.77
C MET A 169 -14.06 -17.06 28.81
N PRO A 170 -15.20 -16.49 28.41
CA PRO A 170 -16.24 -16.11 29.36
C PRO A 170 -16.77 -17.35 30.09
N ALA A 171 -16.90 -17.27 31.41
CA ALA A 171 -17.22 -18.43 32.26
C ALA A 171 -18.74 -18.68 32.17
N ILE A 172 -19.22 -18.97 30.96
CA ILE A 172 -20.66 -19.26 30.69
C ILE A 172 -20.83 -20.77 30.62
N PRO A 173 -22.03 -21.31 30.94
CA PRO A 173 -22.28 -22.75 30.79
C PRO A 173 -22.04 -23.21 29.34
N GLY A 174 -21.19 -24.21 29.13
CA GLY A 174 -20.85 -24.76 27.81
C GLY A 174 -19.68 -24.03 27.14
N ILE A 175 -18.90 -23.28 27.89
CA ILE A 175 -17.69 -22.59 27.35
C ILE A 175 -16.74 -23.67 26.82
N GLU A 176 -16.77 -24.90 27.38
CA GLU A 176 -15.91 -26.00 26.93
C GLU A 176 -16.27 -26.45 25.49
N HIS A 177 -17.40 -26.04 24.91
CA HIS A 177 -17.82 -26.37 23.53
C HIS A 177 -17.28 -25.32 22.55
N CYS A 178 -16.68 -24.26 23.08
CA CYS A 178 -16.19 -23.07 22.33
C CYS A 178 -14.70 -23.18 22.09
N ILE A 179 -14.21 -22.47 21.07
CA ILE A 179 -12.75 -22.36 20.84
C ILE A 179 -12.33 -20.90 20.99
N SER A 180 -11.03 -20.70 21.06
CA SER A 180 -10.37 -19.39 20.85
C SER A 180 -9.67 -19.41 19.48
N SER A 181 -9.06 -18.30 19.15
CA SER A 181 -8.25 -18.14 17.95
C SER A 181 -7.19 -19.25 17.93
N ASN A 182 -6.69 -19.72 19.08
CA ASN A 182 -5.67 -20.79 19.15
C ASN A 182 -6.12 -22.00 18.35
N GLU A 183 -7.33 -22.50 18.63
CA GLU A 183 -7.88 -23.74 18.03
C GLU A 183 -8.30 -23.47 16.58
N ALA A 184 -8.72 -22.24 16.30
CA ALA A 184 -9.22 -21.83 14.97
C ALA A 184 -8.12 -22.11 13.93
N PHE A 185 -6.85 -21.96 14.31
CA PHE A 185 -5.68 -22.17 13.40
C PHE A 185 -5.54 -23.65 13.05
N TYR A 186 -6.20 -24.54 13.78
CA TYR A 186 -5.98 -25.99 13.61
C TYR A 186 -7.29 -26.74 13.36
N LEU A 187 -8.38 -26.05 13.06
CA LEU A 187 -9.63 -26.77 12.73
C LEU A 187 -9.34 -27.72 11.57
N PRO A 188 -9.73 -29.03 11.68
CA PRO A 188 -9.48 -29.98 10.60
C PRO A 188 -10.35 -29.71 9.35
N GLU A 189 -11.49 -29.06 9.54
CA GLU A 189 -12.47 -28.74 8.46
C GLU A 189 -12.98 -27.31 8.66
N PRO A 190 -13.35 -26.60 7.57
CA PRO A 190 -13.89 -25.25 7.68
C PRO A 190 -15.33 -25.39 8.14
N PRO A 191 -15.75 -24.63 9.18
CA PRO A 191 -17.12 -24.67 9.66
C PRO A 191 -18.07 -24.17 8.58
N ARG A 192 -19.20 -24.87 8.44
CA ARG A 192 -20.32 -24.42 7.60
C ARG A 192 -20.94 -23.20 8.26
N ARG A 193 -21.21 -23.32 9.55
CA ARG A 193 -21.82 -22.23 10.34
C ARG A 193 -20.89 -21.87 11.48
N VAL A 194 -20.62 -20.59 11.66
CA VAL A 194 -19.70 -20.18 12.74
C VAL A 194 -20.16 -18.86 13.34
N LEU A 195 -20.00 -18.81 14.65
CA LEU A 195 -20.26 -17.60 15.45
C LEU A 195 -18.91 -17.15 15.96
N THR A 196 -18.47 -15.97 15.52
CA THR A 196 -17.29 -15.30 16.13
C THR A 196 -17.84 -14.34 17.17
N VAL A 197 -17.39 -14.53 18.42
CA VAL A 197 -17.90 -13.73 19.55
C VAL A 197 -16.87 -12.65 19.83
N GLY A 198 -17.27 -11.40 19.69
CA GLY A 198 -16.38 -10.25 19.95
C GLY A 198 -16.44 -9.27 18.79
N GLY A 199 -16.16 -8.00 19.08
CA GLY A 199 -16.23 -6.89 18.12
C GLY A 199 -14.84 -6.34 17.75
N GLY A 200 -13.78 -7.00 18.20
CA GLY A 200 -12.40 -6.56 17.98
C GLY A 200 -11.82 -7.16 16.72
N PHE A 201 -10.54 -6.87 16.47
CA PHE A 201 -9.87 -7.21 15.21
C PHE A 201 -9.86 -8.73 15.03
N ILE A 202 -9.66 -9.52 16.09
CA ILE A 202 -9.53 -11.00 15.95
C ILE A 202 -10.86 -11.62 15.47
N SER A 203 -11.98 -11.22 16.08
CA SER A 203 -13.32 -11.70 15.69
C SER A 203 -13.63 -11.27 14.25
N VAL A 204 -13.34 -10.01 13.93
CA VAL A 204 -13.58 -9.45 12.58
C VAL A 204 -12.71 -10.18 11.54
N GLU A 205 -11.44 -10.41 11.82
CA GLU A 205 -10.52 -11.00 10.83
C GLU A 205 -10.96 -12.43 10.58
N PHE A 206 -11.30 -13.16 11.65
CA PHE A 206 -11.70 -14.58 11.56
C PHE A 206 -13.07 -14.71 10.89
N ALA A 207 -13.98 -13.75 11.05
CA ALA A 207 -15.27 -13.78 10.33
C ALA A 207 -14.97 -13.73 8.83
N GLY A 208 -14.01 -12.89 8.43
CA GLY A 208 -13.59 -12.83 7.01
C GLY A 208 -13.05 -14.17 6.54
N ILE A 209 -12.16 -14.75 7.32
CA ILE A 209 -11.49 -15.99 6.92
C ILE A 209 -12.56 -17.08 6.75
N PHE A 210 -13.39 -17.28 7.77
CA PHE A 210 -14.39 -18.37 7.75
C PHE A 210 -15.37 -18.12 6.62
N ASN A 211 -15.61 -16.85 6.32
CA ASN A 211 -16.61 -16.47 5.31
C ASN A 211 -16.15 -16.94 3.92
N ALA A 212 -14.84 -16.92 3.67
CA ALA A 212 -14.30 -17.27 2.35
C ALA A 212 -14.21 -18.80 2.20
N TYR A 213 -13.96 -19.53 3.28
CA TYR A 213 -13.65 -20.99 3.25
C TYR A 213 -14.84 -21.84 3.65
N LYS A 214 -16.01 -21.24 3.95
CA LYS A 214 -17.20 -22.02 4.39
C LYS A 214 -17.68 -22.93 3.25
N PRO A 215 -18.10 -24.17 3.56
CA PRO A 215 -18.70 -25.05 2.56
C PRO A 215 -20.06 -24.52 2.11
N PRO A 216 -20.65 -25.10 1.03
CA PRO A 216 -21.92 -24.60 0.51
C PRO A 216 -23.00 -24.55 1.62
N GLY A 217 -23.93 -23.60 1.51
CA GLY A 217 -24.97 -23.39 2.53
C GLY A 217 -24.35 -22.96 3.84
N GLY A 218 -23.24 -22.22 3.77
CA GLY A 218 -22.49 -21.77 4.96
C GLY A 218 -23.00 -20.43 5.46
N LYS A 219 -22.68 -20.08 6.70
CA LYS A 219 -23.09 -18.77 7.27
C LYS A 219 -22.16 -18.39 8.42
N VAL A 220 -21.54 -17.21 8.28
CA VAL A 220 -20.70 -16.62 9.33
C VAL A 220 -21.53 -15.56 10.02
N THR A 221 -21.63 -15.70 11.35
CA THR A 221 -22.27 -14.73 12.25
C THR A 221 -21.23 -14.20 13.21
N LEU A 222 -21.17 -12.88 13.31
CA LEU A 222 -20.28 -12.21 14.28
C LEU A 222 -21.21 -11.57 15.31
N CYS A 223 -21.04 -11.86 16.59
CA CYS A 223 -21.85 -11.14 17.61
C CYS A 223 -20.95 -10.20 18.39
N TYR A 224 -21.51 -9.09 18.85
CA TYR A 224 -20.82 -8.14 19.72
C TYR A 224 -21.81 -7.56 20.75
N ARG A 225 -21.35 -7.49 22.00
CA ARG A 225 -22.19 -7.19 23.19
C ARG A 225 -22.72 -5.75 23.07
N ASN A 226 -22.02 -4.83 22.39
CA ASN A 226 -22.47 -3.42 22.28
C ASN A 226 -22.94 -3.12 20.86
N ASN A 227 -23.12 -1.84 20.52
CA ASN A 227 -23.94 -1.37 19.37
C ASN A 227 -23.17 -1.35 18.03
N LEU A 228 -21.84 -1.26 18.06
CA LEU A 228 -20.98 -1.01 16.86
C LEU A 228 -19.60 -1.63 17.10
N ILE A 229 -19.17 -2.51 16.19
CA ILE A 229 -17.89 -3.27 16.33
C ILE A 229 -16.71 -2.29 16.31
N LEU A 230 -15.53 -2.81 16.66
CA LEU A 230 -14.22 -2.14 16.49
C LEU A 230 -14.18 -0.81 17.26
N ARG A 231 -14.60 -0.89 18.53
CA ARG A 231 -14.32 0.18 19.52
C ARG A 231 -12.84 0.56 19.42
N GLY A 232 -12.57 1.87 19.43
CA GLY A 232 -11.22 2.43 19.40
C GLY A 232 -10.78 2.82 18.01
N PHE A 233 -11.51 2.38 16.97
CA PHE A 233 -11.26 2.79 15.57
C PHE A 233 -12.19 3.95 15.24
N ASP A 234 -11.86 4.61 14.14
CA ASP A 234 -12.62 5.75 13.58
C ASP A 234 -14.07 5.32 13.40
N GLU A 235 -15.01 6.18 13.78
CA GLU A 235 -16.44 5.80 13.75
C GLU A 235 -16.92 5.54 12.33
N THR A 236 -16.56 6.40 11.38
CA THR A 236 -16.93 6.23 9.97
C THR A 236 -16.48 4.84 9.53
N ILE A 237 -15.23 4.50 9.79
CA ILE A 237 -14.67 3.18 9.41
C ILE A 237 -15.44 2.04 10.10
N ARG A 238 -15.74 2.17 11.38
CA ARG A 238 -16.48 1.12 12.12
C ARG A 238 -17.80 0.84 11.40
N GLU A 239 -18.55 1.88 11.07
CA GLU A 239 -19.85 1.74 10.35
C GLU A 239 -19.61 1.13 8.97
N GLU A 240 -18.54 1.55 8.28
CA GLU A 240 -18.28 1.09 6.88
C GLU A 240 -17.88 -0.38 6.85
N VAL A 241 -16.96 -0.78 7.74
N VAL A 241 -16.97 -0.80 7.75
CA VAL A 241 -16.53 -2.20 7.85
CA VAL A 241 -16.53 -2.23 7.81
C VAL A 241 -17.79 -3.04 8.08
C VAL A 241 -17.75 -3.07 8.13
N THR A 242 -18.66 -2.57 8.98
CA THR A 242 -19.93 -3.27 9.34
C THR A 242 -20.71 -3.52 8.04
N LYS A 243 -20.88 -2.49 7.21
CA LYS A 243 -21.62 -2.57 5.92
C LYS A 243 -20.93 -3.54 4.97
N GLN A 244 -19.60 -3.44 4.89
CA GLN A 244 -18.80 -4.16 3.87
C GLN A 244 -18.75 -5.64 4.27
N LEU A 245 -18.65 -5.95 5.56
CA LEU A 245 -18.74 -7.35 6.04
C LEU A 245 -20.14 -7.88 5.70
N THR A 246 -21.17 -7.06 5.95
CA THR A 246 -22.59 -7.43 5.67
C THR A 246 -22.78 -7.69 4.18
N ALA A 247 -22.23 -6.82 3.34
CA ALA A 247 -22.36 -6.94 1.88
C ALA A 247 -21.68 -8.23 1.39
N ASN A 248 -20.74 -8.79 2.15
CA ASN A 248 -19.99 -9.99 1.71
C ASN A 248 -20.58 -11.23 2.39
N GLY A 249 -21.74 -11.09 3.02
CA GLY A 249 -22.60 -12.20 3.48
C GLY A 249 -22.42 -12.51 4.95
N ILE A 250 -21.66 -11.71 5.69
CA ILE A 250 -21.44 -11.97 7.13
C ILE A 250 -22.61 -11.31 7.88
N GLU A 251 -23.22 -12.04 8.82
CA GLU A 251 -24.32 -11.48 9.65
C GLU A 251 -23.71 -10.90 10.92
N ILE A 252 -23.92 -9.60 11.15
CA ILE A 252 -23.41 -8.86 12.33
C ILE A 252 -24.56 -8.75 13.35
N MET A 253 -24.45 -9.46 14.47
CA MET A 253 -25.42 -9.40 15.60
C MET A 253 -24.84 -8.45 16.65
N THR A 254 -25.23 -7.19 16.66
CA THR A 254 -24.82 -6.21 17.70
C THR A 254 -25.82 -6.19 18.86
N ASN A 255 -25.41 -5.66 20.00
CA ASN A 255 -26.15 -5.74 21.29
C ASN A 255 -26.56 -7.18 21.59
N GLU A 256 -25.68 -8.16 21.32
CA GLU A 256 -25.95 -9.61 21.55
C GLU A 256 -24.72 -10.30 22.14
N ASN A 257 -24.94 -11.25 23.04
CA ASN A 257 -23.84 -11.91 23.76
C ASN A 257 -24.33 -13.29 24.17
N PRO A 258 -23.55 -14.37 23.91
CA PRO A 258 -23.93 -15.71 24.36
C PRO A 258 -24.07 -15.78 25.88
N ALA A 259 -25.17 -16.40 26.35
CA ALA A 259 -25.43 -16.73 27.77
C ALA A 259 -25.04 -18.18 28.04
N LYS A 260 -25.20 -19.04 27.04
CA LYS A 260 -24.67 -20.41 27.15
C LYS A 260 -24.68 -21.11 25.80
N VAL A 261 -23.98 -22.23 25.80
CA VAL A 261 -23.84 -23.13 24.64
C VAL A 261 -24.13 -24.55 25.15
N SER A 262 -24.92 -25.29 24.38
CA SER A 262 -25.10 -26.76 24.56
C SER A 262 -24.74 -27.48 23.27
N LEU A 263 -24.20 -28.70 23.37
CA LEU A 263 -24.03 -29.62 22.22
C LEU A 263 -25.39 -30.19 21.83
N ASN A 264 -25.77 -30.03 20.57
CA ASN A 264 -26.81 -30.85 19.90
C ASN A 264 -26.28 -32.28 19.72
N THR A 265 -27.17 -33.24 19.55
CA THR A 265 -26.84 -34.69 19.41
C THR A 265 -25.92 -34.90 18.19
N ASP A 266 -25.98 -34.04 17.15
CA ASP A 266 -25.13 -34.14 15.92
C ASP A 266 -23.75 -33.47 16.11
N GLY A 267 -23.42 -32.98 17.31
CA GLY A 267 -22.11 -32.40 17.66
C GLY A 267 -22.07 -30.90 17.40
N SER A 268 -23.11 -30.35 16.76
CA SER A 268 -23.25 -28.90 16.52
C SER A 268 -23.53 -28.20 17.87
N LYS A 269 -23.45 -26.87 17.86
CA LYS A 269 -23.56 -26.02 19.05
C LYS A 269 -24.86 -25.24 18.98
N HIS A 270 -25.62 -25.33 20.06
CA HIS A 270 -26.86 -24.54 20.27
C HIS A 270 -26.48 -23.39 21.19
N VAL A 271 -26.37 -22.19 20.62
CA VAL A 271 -26.00 -20.96 21.37
C VAL A 271 -27.28 -20.30 21.83
N THR A 272 -27.40 -20.05 23.13
CA THR A 272 -28.45 -19.17 23.69
C THR A 272 -27.84 -17.82 24.08
N PHE A 273 -28.41 -16.77 23.52
CA PHE A 273 -27.98 -15.37 23.76
C PHE A 273 -28.71 -14.85 24.99
N GLU A 274 -28.09 -13.87 25.67
CA GLU A 274 -28.68 -13.12 26.81
C GLU A 274 -30.08 -12.59 26.41
N SER A 275 -30.27 -12.18 25.16
CA SER A 275 -31.55 -11.66 24.64
C SER A 275 -32.63 -12.76 24.56
N GLY A 276 -32.25 -14.04 24.59
CA GLY A 276 -33.16 -15.18 24.44
C GLY A 276 -33.14 -15.73 23.03
N LYS A 277 -32.48 -15.04 22.09
CA LYS A 277 -32.24 -15.57 20.74
C LYS A 277 -31.39 -16.84 20.84
N THR A 278 -31.56 -17.74 19.87
CA THR A 278 -30.75 -18.96 19.75
C THR A 278 -30.18 -19.02 18.33
N LEU A 279 -29.09 -19.77 18.18
CA LEU A 279 -28.43 -19.98 16.88
C LEU A 279 -27.70 -21.30 16.96
N ASP A 280 -27.83 -22.13 15.92
CA ASP A 280 -27.04 -23.38 15.76
C ASP A 280 -25.84 -23.09 14.83
N VAL A 281 -24.66 -23.51 15.24
CA VAL A 281 -23.40 -23.30 14.46
C VAL A 281 -22.51 -24.50 14.69
N ASP A 282 -21.53 -24.67 13.81
CA ASP A 282 -20.59 -25.79 13.94
C ASP A 282 -19.44 -25.37 14.84
N VAL A 283 -19.15 -24.08 14.87
CA VAL A 283 -18.04 -23.52 15.70
C VAL A 283 -18.52 -22.21 16.34
N VAL A 284 -18.15 -22.07 17.64
CA VAL A 284 -18.23 -20.84 18.47
C VAL A 284 -16.79 -20.47 18.79
N MET A 285 -16.33 -19.37 18.17
CA MET A 285 -14.96 -18.87 18.43
C MET A 285 -15.09 -17.64 19.31
N MET A 286 -14.53 -17.73 20.50
CA MET A 286 -14.59 -16.57 21.43
C MET A 286 -13.39 -15.68 21.12
N ALA A 287 -13.62 -14.39 20.88
CA ALA A 287 -12.52 -13.41 20.68
C ALA A 287 -12.90 -12.10 21.37
N ILE A 288 -13.14 -12.21 22.68
CA ILE A 288 -13.70 -11.11 23.49
C ILE A 288 -12.55 -10.41 24.20
N GLY A 289 -11.32 -10.91 24.09
CA GLY A 289 -10.21 -10.22 24.78
C GLY A 289 -9.07 -11.14 25.05
N ARG A 290 -7.92 -10.55 25.29
CA ARG A 290 -6.72 -11.31 25.70
C ARG A 290 -6.20 -10.74 27.01
N ILE A 291 -5.68 -11.61 27.87
CA ILE A 291 -5.26 -11.19 29.22
C ILE A 291 -3.80 -11.58 29.40
N PRO A 292 -3.06 -10.74 30.14
CA PRO A 292 -1.65 -10.98 30.35
C PRO A 292 -1.41 -12.34 31.05
N ARG A 293 -0.34 -13.01 30.66
CA ARG A 293 0.07 -14.33 31.21
C ARG A 293 1.05 -14.11 32.35
N THR A 294 0.53 -13.92 33.56
CA THR A 294 1.33 -13.59 34.78
C THR A 294 1.24 -14.70 35.84
N ASN A 295 0.11 -15.41 35.87
CA ASN A 295 -0.14 -16.60 36.74
C ASN A 295 1.13 -17.43 36.92
N ASP A 296 1.66 -17.95 35.82
CA ASP A 296 2.63 -19.06 35.88
C ASP A 296 4.00 -18.52 36.25
N LEU A 297 4.20 -17.21 36.38
CA LEU A 297 5.54 -16.66 36.69
C LEU A 297 5.80 -16.63 38.20
N GLN A 298 4.75 -16.88 39.01
CA GLN A 298 4.81 -16.90 40.50
C GLN A 298 5.33 -15.54 40.95
N LEU A 299 4.68 -14.46 40.54
CA LEU A 299 5.22 -13.09 40.71
C LEU A 299 5.17 -12.69 42.19
N GLY A 300 4.22 -13.28 42.95
CA GLY A 300 4.05 -13.10 44.41
C GLY A 300 5.30 -13.49 45.19
N ASN A 301 6.15 -14.37 44.64
CA ASN A 301 7.43 -14.82 45.22
C ASN A 301 8.48 -13.70 45.29
N VAL A 302 8.38 -12.66 44.46
CA VAL A 302 9.40 -11.56 44.47
C VAL A 302 8.71 -10.19 44.63
N GLY A 303 7.37 -10.15 44.70
CA GLY A 303 6.57 -8.94 44.87
C GLY A 303 6.72 -8.02 43.66
N VAL A 304 6.64 -8.56 42.45
CA VAL A 304 6.42 -7.74 41.21
C VAL A 304 4.96 -7.28 41.24
N LYS A 305 4.72 -5.98 41.14
CA LYS A 305 3.35 -5.40 41.23
C LYS A 305 2.61 -5.57 39.90
N LEU A 306 1.34 -5.97 39.98
CA LEU A 306 0.38 -6.05 38.85
C LEU A 306 -0.60 -4.89 38.96
N THR A 307 -1.39 -4.69 37.91
CA THR A 307 -2.28 -3.51 37.71
C THR A 307 -3.69 -3.90 38.10
N PRO A 308 -4.60 -2.93 38.28
CA PRO A 308 -6.00 -3.21 38.53
C PRO A 308 -6.62 -4.13 37.47
N LYS A 309 -5.85 -4.52 36.44
CA LYS A 309 -6.32 -5.35 35.30
C LYS A 309 -5.53 -6.66 35.17
N GLY A 310 -4.35 -6.79 35.79
CA GLY A 310 -3.59 -8.07 35.82
C GLY A 310 -2.26 -7.99 35.06
N GLY A 311 -2.01 -6.90 34.32
CA GLY A 311 -0.73 -6.68 33.63
C GLY A 311 0.37 -6.27 34.60
N VAL A 312 1.61 -6.63 34.30
CA VAL A 312 2.80 -6.21 35.08
C VAL A 312 2.85 -4.70 34.98
N GLN A 313 2.86 -4.02 36.13
CA GLN A 313 3.03 -2.56 36.19
C GLN A 313 4.46 -2.24 35.77
N VAL A 314 4.62 -1.25 34.90
CA VAL A 314 5.96 -0.80 34.41
C VAL A 314 5.99 0.72 34.34
N ASP A 315 7.17 1.30 34.44
CA ASP A 315 7.41 2.72 34.11
C ASP A 315 7.63 2.78 32.60
N GLU A 316 7.91 3.98 32.09
CA GLU A 316 8.19 4.28 30.65
C GLU A 316 9.41 3.51 30.15
N PHE A 317 10.27 2.99 31.06
CA PHE A 317 11.51 2.25 30.72
C PHE A 317 11.31 0.72 30.86
N SER A 318 10.07 0.28 31.05
CA SER A 318 9.66 -1.14 31.14
C SER A 318 10.19 -1.73 32.44
N ARG A 319 10.48 -0.89 33.45
CA ARG A 319 10.99 -1.35 34.78
C ARG A 319 9.79 -1.61 35.69
N THR A 320 9.79 -2.78 36.34
CA THR A 320 8.84 -3.18 37.40
C THR A 320 9.25 -2.44 38.69
N ASN A 321 8.55 -2.69 39.77
CA ASN A 321 8.93 -2.15 41.10
C ASN A 321 10.20 -2.83 41.61
N VAL A 322 10.61 -3.98 41.04
CA VAL A 322 11.75 -4.78 41.56
C VAL A 322 12.98 -4.52 40.72
N PRO A 323 14.04 -3.88 41.28
CA PRO A 323 15.27 -3.64 40.51
C PRO A 323 15.73 -4.92 39.78
N ASN A 324 16.34 -4.78 38.60
CA ASN A 324 16.86 -5.88 37.74
C ASN A 324 15.74 -6.58 36.95
N ILE A 325 14.45 -6.33 37.26
CA ILE A 325 13.30 -7.04 36.64
C ILE A 325 12.47 -6.07 35.79
N TYR A 326 12.28 -6.42 34.52
CA TYR A 326 11.58 -5.60 33.48
C TYR A 326 10.48 -6.44 32.84
N ALA A 327 9.50 -5.76 32.22
CA ALA A 327 8.38 -6.38 31.50
C ALA A 327 8.05 -5.57 30.24
N ILE A 328 7.94 -6.26 29.11
CA ILE A 328 7.55 -5.66 27.80
C ILE A 328 6.43 -6.49 27.18
N GLY A 329 5.76 -5.89 26.20
CA GLY A 329 4.79 -6.57 25.35
C GLY A 329 3.48 -6.78 26.06
N ASP A 330 2.72 -7.77 25.63
CA ASP A 330 1.29 -7.92 26.00
C ASP A 330 1.17 -8.17 27.51
N ILE A 331 2.21 -8.65 28.20
CA ILE A 331 2.13 -8.86 29.68
C ILE A 331 1.92 -7.52 30.38
N THR A 332 2.32 -6.40 29.76
CA THR A 332 2.11 -5.05 30.35
C THR A 332 0.66 -4.59 30.12
N ASP A 333 -0.13 -5.29 29.31
CA ASP A 333 -1.58 -5.05 29.07
C ASP A 333 -1.88 -3.62 28.62
N ARG A 334 -1.12 -3.12 27.64
CA ARG A 334 -1.37 -1.82 27.00
C ARG A 334 -1.78 -2.08 25.54
N LEU A 335 -0.95 -1.64 24.59
N LEU A 335 -0.94 -1.68 24.58
CA LEU A 335 -1.11 -1.91 23.13
CA LEU A 335 -1.20 -1.90 23.13
C LEU A 335 -0.60 -3.32 22.85
C LEU A 335 -0.62 -3.27 22.75
N MET A 336 -1.49 -4.27 22.57
CA MET A 336 -1.09 -5.66 22.29
C MET A 336 -0.78 -5.78 20.79
N LEU A 337 0.42 -5.36 20.42
CA LEU A 337 0.92 -5.39 19.02
C LEU A 337 2.36 -5.86 19.02
N THR A 338 2.72 -6.67 18.03
CA THR A 338 4.07 -7.22 17.89
C THR A 338 5.09 -6.09 17.76
N PRO A 339 4.94 -5.12 16.85
CA PRO A 339 5.98 -4.10 16.70
C PRO A 339 6.15 -3.20 17.93
N VAL A 340 5.12 -3.11 18.77
CA VAL A 340 5.23 -2.38 20.04
C VAL A 340 6.07 -3.23 21.00
N ALA A 341 5.80 -4.54 21.12
CA ALA A 341 6.61 -5.42 21.97
C ALA A 341 8.06 -5.33 21.51
N ILE A 342 8.30 -5.34 20.19
CA ILE A 342 9.68 -5.34 19.64
C ILE A 342 10.33 -4.01 20.01
N ASN A 343 9.64 -2.91 19.78
CA ASN A 343 10.16 -1.56 20.11
C ASN A 343 10.54 -1.50 21.60
N GLU A 344 9.71 -2.01 22.49
CA GLU A 344 9.96 -2.01 23.95
C GLU A 344 11.23 -2.80 24.29
N GLY A 345 11.36 -4.01 23.71
CA GLY A 345 12.57 -4.83 23.89
C GLY A 345 13.82 -4.13 23.42
N ALA A 346 13.78 -3.54 22.21
CA ALA A 346 14.90 -2.81 21.59
C ALA A 346 15.30 -1.65 22.49
N ALA A 347 14.32 -0.91 23.02
CA ALA A 347 14.55 0.28 23.87
C ALA A 347 15.15 -0.17 25.20
N LEU A 348 14.56 -1.19 25.83
CA LEU A 348 14.99 -1.73 27.14
C LEU A 348 16.47 -2.12 27.08
N VAL A 349 16.89 -2.78 26.01
CA VAL A 349 18.28 -3.29 25.84
C VAL A 349 19.22 -2.14 25.44
N ASP A 350 18.81 -1.25 24.53
CA ASP A 350 19.62 -0.05 24.15
C ASP A 350 19.82 0.78 25.42
N THR A 351 18.85 0.74 26.33
CA THR A 351 18.90 1.48 27.63
C THR A 351 19.88 0.78 28.55
N VAL A 352 19.52 -0.41 29.05
CA VAL A 352 20.16 -1.10 30.20
C VAL A 352 21.58 -1.62 29.82
N PHE A 353 21.83 -1.96 28.56
CA PHE A 353 23.09 -2.59 28.11
C PHE A 353 23.85 -1.66 27.16
N GLY A 354 23.13 -0.82 26.42
CA GLY A 354 23.75 0.19 25.54
C GLY A 354 24.07 1.48 26.27
N ASN A 355 23.57 1.63 27.50
CA ASN A 355 23.75 2.88 28.28
C ASN A 355 23.25 4.06 27.45
N LYS A 356 22.20 3.82 26.65
CA LYS A 356 21.64 4.82 25.72
C LYS A 356 20.14 4.83 26.02
N PRO A 357 19.68 5.39 27.16
CA PRO A 357 18.28 5.25 27.56
C PRO A 357 17.34 5.81 26.47
N ARG A 358 16.29 5.05 26.24
CA ARG A 358 15.28 5.31 25.19
C ARG A 358 13.99 4.64 25.65
N LYS A 359 12.86 5.30 25.39
CA LYS A 359 11.52 4.85 25.86
C LYS A 359 10.63 4.75 24.63
N THR A 360 9.82 3.70 24.60
CA THR A 360 8.84 3.46 23.52
C THR A 360 7.83 4.59 23.57
N ASP A 361 7.50 5.12 22.41
CA ASP A 361 6.36 6.06 22.24
C ASP A 361 5.13 5.22 21.91
N HIS A 362 4.12 5.26 22.77
CA HIS A 362 2.87 4.49 22.61
C HIS A 362 1.83 5.38 21.92
N THR A 363 2.20 6.60 21.52
CA THR A 363 1.37 7.50 20.68
C THR A 363 1.76 7.31 19.22
N ARG A 364 0.79 7.57 18.34
CA ARG A 364 1.06 7.72 16.90
C ARG A 364 1.59 6.38 16.40
N VAL A 365 0.97 5.30 16.83
CA VAL A 365 1.39 3.94 16.43
C VAL A 365 0.53 3.49 15.25
N ALA A 366 1.16 3.24 14.11
CA ALA A 366 0.46 2.70 12.94
C ALA A 366 0.01 1.27 13.26
N SER A 367 -1.21 0.93 12.90
CA SER A 367 -1.70 -0.45 13.13
C SER A 367 -2.72 -0.76 12.05
N ALA A 368 -3.14 -2.00 11.99
CA ALA A 368 -4.07 -2.44 10.92
C ALA A 368 -5.04 -3.49 11.44
N VAL A 369 -6.14 -3.61 10.73
CA VAL A 369 -7.12 -4.70 10.86
C VAL A 369 -7.20 -5.32 9.45
N PHE A 370 -6.84 -6.58 9.33
CA PHE A 370 -6.94 -7.33 8.05
C PHE A 370 -8.35 -7.89 7.92
N SER A 371 -9.30 -6.98 8.08
CA SER A 371 -10.67 -7.11 7.57
C SER A 371 -10.59 -7.09 6.05
N ILE A 372 -11.67 -7.50 5.42
CA ILE A 372 -11.79 -7.41 3.95
C ILE A 372 -12.93 -6.44 3.67
N PRO A 373 -12.62 -5.23 3.13
CA PRO A 373 -11.26 -4.72 2.97
C PRO A 373 -10.67 -4.24 4.29
N PRO A 374 -9.35 -3.97 4.35
CA PRO A 374 -8.67 -3.70 5.62
C PRO A 374 -8.65 -2.23 6.07
N ILE A 375 -8.32 -2.07 7.34
CA ILE A 375 -8.15 -0.79 8.04
C ILE A 375 -6.65 -0.55 8.21
N GLY A 376 -6.21 0.70 8.01
CA GLY A 376 -4.88 1.16 8.41
C GLY A 376 -5.07 2.46 9.17
N THR A 377 -4.49 2.57 10.35
CA THR A 377 -4.75 3.72 11.25
C THR A 377 -3.47 4.10 11.98
N CYS A 378 -3.33 5.39 12.27
CA CYS A 378 -2.20 5.89 13.06
C CYS A 378 -2.70 7.10 13.85
N GLY A 379 -2.58 7.07 15.18
CA GLY A 379 -2.90 8.23 16.02
C GLY A 379 -4.35 8.33 16.40
N LEU A 380 -4.78 9.55 16.72
CA LEU A 380 -6.04 9.77 17.48
C LEU A 380 -7.25 9.70 16.56
N ILE A 381 -8.31 9.08 17.05
CA ILE A 381 -9.69 9.23 16.47
C ILE A 381 -10.22 10.60 16.92
N GLU A 382 -11.08 11.19 16.11
CA GLU A 382 -11.57 12.57 16.30
C GLU A 382 -12.21 12.78 17.68
N GLU A 383 -12.94 11.79 18.21
CA GLU A 383 -13.68 11.88 19.51
C GLU A 383 -12.68 12.14 20.61
N VAL A 384 -11.54 11.45 20.51
CA VAL A 384 -10.45 11.51 21.50
C VAL A 384 -9.74 12.84 21.33
N ALA A 385 -9.32 13.21 20.11
CA ALA A 385 -8.70 14.51 19.78
C ALA A 385 -9.55 15.66 20.35
N ALA A 386 -10.86 15.58 20.12
CA ALA A 386 -11.87 16.63 20.41
C ALA A 386 -11.91 16.93 21.91
N LYS A 387 -11.51 15.98 22.76
CA LYS A 387 -11.52 16.13 24.24
C LYS A 387 -10.20 16.76 24.71
N GLU A 388 -9.14 16.72 23.90
CA GLU A 388 -7.77 17.21 24.24
C GLU A 388 -7.50 18.58 23.61
N PHE A 389 -8.08 18.88 22.44
CA PHE A 389 -7.74 20.07 21.64
C PHE A 389 -9.00 20.91 21.51
N GLU A 390 -8.85 22.24 21.64
N GLU A 390 -8.83 22.23 21.62
CA GLU A 390 -9.97 23.21 21.54
CA GLU A 390 -9.93 23.25 21.56
C GLU A 390 -10.63 23.12 20.16
C GLU A 390 -10.60 23.17 20.18
N LYS A 391 -9.81 23.10 19.10
CA LYS A 391 -10.33 23.06 17.70
C LYS A 391 -9.65 21.91 16.92
N VAL A 392 -10.46 20.96 16.48
CA VAL A 392 -10.07 19.78 15.68
C VAL A 392 -10.74 19.91 14.32
N ALA A 393 -9.98 19.71 13.25
CA ALA A 393 -10.50 19.60 11.88
C ALA A 393 -10.51 18.14 11.48
N VAL A 394 -11.54 17.74 10.75
CA VAL A 394 -11.62 16.39 10.10
C VAL A 394 -11.72 16.60 8.60
N TYR A 395 -10.75 16.05 7.90
CA TYR A 395 -10.64 16.00 6.44
C TYR A 395 -11.05 14.59 6.04
N MET A 396 -12.01 14.44 5.14
CA MET A 396 -12.57 13.11 4.84
C MET A 396 -12.80 13.00 3.32
N SER A 397 -12.39 11.89 2.73
CA SER A 397 -12.59 11.57 1.32
C SER A 397 -13.06 10.12 1.28
N SER A 398 -14.24 9.89 0.73
CA SER A 398 -14.85 8.55 0.79
C SER A 398 -15.53 8.31 -0.52
N PHE A 399 -15.26 7.17 -1.12
CA PHE A 399 -15.84 6.86 -2.45
C PHE A 399 -15.55 5.40 -2.75
N THR A 400 -16.33 4.79 -3.65
CA THR A 400 -15.98 3.49 -4.25
C THR A 400 -14.90 3.74 -5.29
N PRO A 401 -13.67 3.18 -5.13
CA PRO A 401 -12.62 3.34 -6.13
C PRO A 401 -13.14 2.75 -7.44
N LEU A 402 -12.68 3.33 -8.54
CA LEU A 402 -13.15 3.02 -9.90
C LEU A 402 -13.01 1.52 -10.13
N MET A 403 -11.86 0.94 -9.78
CA MET A 403 -11.64 -0.50 -10.03
C MET A 403 -12.82 -1.29 -9.44
N HIS A 404 -13.45 -0.81 -8.34
CA HIS A 404 -14.51 -1.60 -7.64
C HIS A 404 -15.90 -1.31 -8.21
N ASN A 405 -16.04 -0.23 -8.96
CA ASN A 405 -17.22 -0.04 -9.84
C ASN A 405 -17.16 -1.09 -10.96
N ILE A 406 -15.98 -1.34 -11.55
CA ILE A 406 -15.83 -2.39 -12.60
C ILE A 406 -15.88 -3.79 -11.99
N SER A 407 -15.30 -4.00 -10.81
CA SER A 407 -15.18 -5.34 -10.20
C SER A 407 -16.56 -5.89 -9.81
N GLY A 408 -17.52 -5.00 -9.52
CA GLY A 408 -18.88 -5.36 -9.06
C GLY A 408 -18.99 -5.26 -7.55
N SER A 409 -17.90 -4.93 -6.84
CA SER A 409 -17.93 -4.73 -5.37
C SER A 409 -18.14 -3.24 -5.10
N LYS A 410 -19.29 -2.69 -5.52
CA LYS A 410 -19.58 -1.24 -5.41
C LYS A 410 -19.56 -0.82 -3.94
N TYR A 411 -19.81 -1.74 -3.04
CA TYR A 411 -19.91 -1.51 -1.59
C TYR A 411 -18.52 -1.26 -0.94
N LYS A 412 -17.43 -1.43 -1.69
CA LYS A 412 -16.06 -1.27 -1.13
C LYS A 412 -15.72 0.23 -1.15
N LYS A 413 -16.35 0.98 -0.29
CA LYS A 413 -16.08 2.44 -0.17
C LYS A 413 -14.72 2.57 0.53
N PHE A 414 -13.81 3.28 -0.11
CA PHE A 414 -12.52 3.69 0.48
C PHE A 414 -12.84 4.88 1.40
N VAL A 415 -12.21 4.93 2.55
CA VAL A 415 -12.37 6.04 3.53
C VAL A 415 -10.96 6.51 3.88
N ALA A 416 -10.67 7.79 3.69
CA ALA A 416 -9.44 8.44 4.18
C ALA A 416 -9.87 9.62 5.05
N LYS A 417 -9.46 9.59 6.32
CA LYS A 417 -9.77 10.68 7.28
C LYS A 417 -8.46 11.15 7.88
N ILE A 418 -8.26 12.46 7.86
CA ILE A 418 -7.14 13.11 8.59
C ILE A 418 -7.76 13.99 9.66
N VAL A 419 -7.33 13.76 10.89
CA VAL A 419 -7.75 14.50 12.09
C VAL A 419 -6.60 15.43 12.46
N THR A 420 -6.86 16.73 12.54
CA THR A 420 -5.81 17.71 12.90
C THR A 420 -6.18 18.51 14.16
N ASN A 421 -5.13 19.06 14.75
CA ASN A 421 -5.22 20.24 15.67
C ASN A 421 -5.38 21.43 14.72
N HIS A 422 -6.59 21.97 14.64
CA HIS A 422 -6.89 23.03 13.65
C HIS A 422 -6.18 24.32 14.03
N SER A 423 -5.78 24.48 15.30
CA SER A 423 -4.97 25.65 15.75
C SER A 423 -3.67 25.76 14.94
N ASP A 424 -2.97 24.66 14.61
CA ASP A 424 -1.66 24.74 13.92
C ASP A 424 -1.55 23.78 12.73
N GLY A 425 -2.59 23.00 12.41
CA GLY A 425 -2.56 22.08 11.27
C GLY A 425 -1.92 20.74 11.60
N THR A 426 -1.37 20.53 12.81
CA THR A 426 -0.65 19.28 13.16
C THR A 426 -1.59 18.07 12.99
N VAL A 427 -1.12 17.06 12.26
CA VAL A 427 -1.94 15.83 12.07
C VAL A 427 -1.92 15.03 13.36
N LEU A 428 -3.09 14.73 13.87
CA LEU A 428 -3.25 13.99 15.15
C LEU A 428 -3.57 12.53 14.84
N GLY A 429 -4.22 12.27 13.72
CA GLY A 429 -4.55 10.88 13.34
C GLY A 429 -4.95 10.78 11.89
N VAL A 430 -4.77 9.58 11.34
CA VAL A 430 -5.05 9.24 9.94
C VAL A 430 -5.69 7.87 9.98
N HIS A 431 -6.81 7.70 9.29
CA HIS A 431 -7.71 6.52 9.43
C HIS A 431 -8.12 6.16 8.01
N LEU A 432 -7.83 4.91 7.58
CA LEU A 432 -7.99 4.47 6.19
C LEU A 432 -8.79 3.19 6.21
N LEU A 433 -9.77 3.08 5.33
CA LEU A 433 -10.43 1.79 5.05
C LEU A 433 -10.39 1.56 3.54
N GLY A 434 -9.89 0.40 3.14
CA GLY A 434 -9.83 0.02 1.73
C GLY A 434 -8.62 -0.82 1.44
N ASP A 435 -8.64 -1.45 0.28
CA ASP A 435 -7.49 -2.21 -0.26
C ASP A 435 -6.21 -1.38 -0.09
N GLY A 436 -5.22 -1.97 0.57
CA GLY A 436 -3.88 -1.36 0.68
C GLY A 436 -3.73 -0.42 1.85
N ALA A 437 -4.78 -0.21 2.66
CA ALA A 437 -4.77 0.68 3.85
C ALA A 437 -3.59 0.35 4.77
N PRO A 438 -3.30 -0.92 5.11
CA PRO A 438 -2.18 -1.25 6.00
C PRO A 438 -0.81 -0.84 5.42
N GLU A 439 -0.68 -0.94 4.09
CA GLU A 439 0.57 -0.57 3.39
C GLU A 439 0.68 0.95 3.33
N ILE A 440 -0.43 1.63 3.08
CA ILE A 440 -0.46 3.10 2.98
C ILE A 440 -0.02 3.70 4.32
N ILE A 441 -0.54 3.16 5.42
CA ILE A 441 -0.44 3.83 6.73
C ILE A 441 0.99 3.80 7.27
N GLN A 442 1.84 2.85 6.86
CA GLN A 442 3.15 2.72 7.56
C GLN A 442 3.94 4.04 7.52
N ALA A 443 4.13 4.64 6.35
CA ALA A 443 4.94 5.86 6.20
C ALA A 443 4.19 7.07 6.79
N VAL A 444 2.88 6.98 6.96
CA VAL A 444 2.10 7.96 7.76
C VAL A 444 2.58 7.95 9.22
N GLY A 445 2.92 6.80 9.80
CA GLY A 445 3.51 6.77 11.14
C GLY A 445 4.79 7.57 11.18
N VAL A 446 5.57 7.56 10.10
CA VAL A 446 6.83 8.34 10.08
C VAL A 446 6.46 9.84 10.04
N CYS A 447 5.46 10.18 9.23
CA CYS A 447 4.95 11.56 9.08
C CYS A 447 4.54 12.10 10.44
N LEU A 448 3.86 11.30 11.24
CA LEU A 448 3.30 11.78 12.51
C LEU A 448 4.44 11.97 13.53
N ARG A 449 5.42 11.06 13.53
N ARG A 449 5.43 11.09 13.52
CA ARG A 449 6.67 11.20 14.34
CA ARG A 449 6.65 11.22 14.37
C ARG A 449 7.30 12.56 14.01
C ARG A 449 7.38 12.51 14.00
N LEU A 450 7.28 12.96 12.73
CA LEU A 450 7.90 14.24 12.27
C LEU A 450 6.98 15.45 12.46
N ASN A 451 5.84 15.29 13.12
CA ASN A 451 4.86 16.36 13.44
C ASN A 451 4.33 16.96 12.14
N ALA A 452 4.10 16.13 11.14
CA ALA A 452 3.52 16.55 9.86
C ALA A 452 2.25 17.34 10.13
N LYS A 453 2.05 18.41 9.37
CA LYS A 453 0.79 19.19 9.32
C LYS A 453 0.01 18.74 8.09
N ILE A 454 -1.27 19.07 8.02
CA ILE A 454 -2.14 18.82 6.84
C ILE A 454 -1.48 19.45 5.62
N SER A 455 -0.87 20.62 5.76
CA SER A 455 -0.23 21.33 4.63
C SER A 455 0.97 20.51 4.12
N ASP A 456 1.67 19.76 4.99
CA ASP A 456 2.75 18.86 4.50
C ASP A 456 2.15 17.74 3.61
N PHE A 457 0.99 17.22 3.96
CA PHE A 457 0.28 16.21 3.13
C PHE A 457 -0.17 16.89 1.83
N TYR A 458 -0.90 18.01 1.90
CA TYR A 458 -1.52 18.56 0.67
C TYR A 458 -0.45 19.14 -0.25
N ASN A 459 0.70 19.62 0.24
CA ASN A 459 1.75 20.19 -0.65
C ASN A 459 2.66 19.09 -1.23
N THR A 460 2.53 17.86 -0.77
CA THR A 460 3.26 16.72 -1.37
C THR A 460 2.52 16.30 -2.65
N ILE A 461 3.24 16.03 -3.71
CA ILE A 461 2.66 15.66 -5.03
C ILE A 461 2.18 14.21 -4.96
N GLY A 462 0.97 13.99 -5.44
CA GLY A 462 0.34 12.66 -5.45
C GLY A 462 1.07 11.69 -6.35
N VAL A 463 1.04 10.41 -5.98
CA VAL A 463 1.28 9.26 -6.89
C VAL A 463 -0.07 8.84 -7.47
N HIS A 464 -0.16 8.84 -8.80
CA HIS A 464 -1.43 8.67 -9.53
C HIS A 464 -1.28 7.53 -10.51
N PRO A 465 -2.26 6.60 -10.64
CA PRO A 465 -3.40 6.49 -9.72
C PRO A 465 -3.14 5.55 -8.55
N THR A 466 -3.43 6.01 -7.34
CA THR A 466 -3.40 5.23 -6.09
C THR A 466 -4.59 5.64 -5.24
N SER A 467 -4.94 4.83 -4.25
CA SER A 467 -5.79 5.28 -3.13
C SER A 467 -5.02 6.28 -2.23
N ALA A 468 -3.75 6.02 -1.99
CA ALA A 468 -2.91 6.78 -1.06
C ALA A 468 -2.90 8.27 -1.42
N GLU A 469 -2.96 8.62 -2.70
CA GLU A 469 -2.87 10.04 -3.13
C GLU A 469 -4.05 10.84 -2.57
N GLU A 470 -5.14 10.19 -2.15
CA GLU A 470 -6.23 10.93 -1.46
C GLU A 470 -5.67 11.71 -0.27
N LEU A 471 -4.66 11.16 0.40
CA LEU A 471 -4.09 11.80 1.62
C LEU A 471 -3.41 13.11 1.27
N CYS A 472 -3.05 13.29 0.00
CA CYS A 472 -2.29 14.46 -0.48
C CYS A 472 -3.20 15.39 -1.30
N SER A 473 -4.53 15.18 -1.23
CA SER A 473 -5.54 15.89 -2.06
C SER A 473 -6.54 16.64 -1.17
N MET A 474 -6.36 16.63 0.14
CA MET A 474 -7.38 17.17 1.05
C MET A 474 -6.85 18.46 1.68
N ARG A 475 -7.51 19.57 1.33
CA ARG A 475 -7.06 20.95 1.65
C ARG A 475 -8.06 21.63 2.60
N THR A 476 -9.31 21.18 2.58
CA THR A 476 -10.47 21.84 3.23
C THR A 476 -11.08 20.87 4.21
N PRO A 477 -11.19 21.21 5.53
CA PRO A 477 -11.93 20.38 6.47
C PRO A 477 -13.35 20.04 5.99
N SER A 478 -13.84 18.85 6.34
CA SER A 478 -15.22 18.40 6.07
C SER A 478 -16.05 18.89 7.23
N TYR A 479 -15.46 18.95 8.41
CA TYR A 479 -16.14 19.43 9.62
C TYR A 479 -15.13 19.58 10.75
N TYR A 480 -15.59 20.06 11.90
CA TYR A 480 -14.75 20.46 13.05
C TYR A 480 -15.36 19.93 14.34
N TYR A 481 -14.51 19.88 15.37
CA TYR A 481 -14.93 19.89 16.78
C TYR A 481 -14.41 21.19 17.40
N VAL A 482 -15.32 22.00 17.96
CA VAL A 482 -14.95 23.25 18.69
C VAL A 482 -15.39 23.05 20.15
N LYS A 483 -14.41 23.02 21.05
CA LYS A 483 -14.57 22.72 22.49
C LYS A 483 -15.45 21.47 22.66
N GLY A 484 -15.12 20.38 21.95
CA GLY A 484 -15.78 19.08 22.09
C GLY A 484 -17.01 18.94 21.22
N GLU A 485 -17.46 20.04 20.59
CA GLU A 485 -18.75 20.09 19.85
C GLU A 485 -18.51 19.95 18.35
N LYS A 486 -19.18 19.00 17.71
CA LYS A 486 -19.13 18.80 16.25
C LYS A 486 -19.92 19.91 15.55
N MET A 487 -19.41 20.41 14.41
CA MET A 487 -20.09 21.43 13.56
C MET A 487 -19.43 21.46 12.18
N GLU A 488 -20.23 21.73 11.16
CA GLU A 488 -19.83 21.89 9.75
C GLU A 488 -18.77 22.99 9.61
N LYS A 489 -18.98 24.11 10.29
CA LYS A 489 -18.21 25.37 10.05
C LYS A 489 -17.76 25.93 11.40
N LEU A 490 -16.59 26.54 11.43
CA LEU A 490 -16.08 27.28 12.61
C LEU A 490 -16.96 28.50 12.86
N PRO A 491 -17.16 28.94 14.13
CA PRO A 491 -17.64 30.30 14.42
C PRO A 491 -16.63 31.39 14.01
N LYS B 6 -14.35 36.67 -28.79
CA LYS B 6 -14.76 36.64 -27.35
C LYS B 6 -13.53 36.86 -26.48
N ALA B 7 -13.68 37.58 -25.36
CA ALA B 7 -12.56 38.06 -24.50
C ALA B 7 -12.51 37.29 -23.17
N PHE B 8 -11.33 36.85 -22.77
CA PHE B 8 -11.12 35.97 -21.59
C PHE B 8 -9.91 36.49 -20.83
N ASP B 9 -9.97 36.37 -19.51
CA ASP B 9 -8.82 36.64 -18.62
C ASP B 9 -7.74 35.61 -18.95
N LEU B 10 -8.17 34.38 -19.19
CA LEU B 10 -7.24 33.24 -19.42
C LEU B 10 -7.80 32.35 -20.51
N VAL B 11 -6.93 31.99 -21.44
CA VAL B 11 -7.26 30.95 -22.43
C VAL B 11 -6.26 29.83 -22.26
N VAL B 12 -6.81 28.64 -22.06
CA VAL B 12 -6.01 27.40 -21.85
C VAL B 12 -6.13 26.57 -23.08
N ILE B 13 -4.99 26.24 -23.68
CA ILE B 13 -4.99 25.29 -24.82
C ILE B 13 -4.58 23.93 -24.30
N GLY B 14 -5.53 23.01 -24.34
CA GLY B 14 -5.40 21.64 -23.83
C GLY B 14 -6.18 21.48 -22.54
N ALA B 15 -7.26 20.71 -22.59
CA ALA B 15 -8.18 20.40 -21.46
C ALA B 15 -7.72 19.11 -20.77
N GLY B 16 -6.44 19.09 -20.36
CA GLY B 16 -5.86 17.92 -19.71
C GLY B 16 -5.55 18.17 -18.26
N SER B 17 -4.69 17.33 -17.70
CA SER B 17 -4.45 17.29 -16.24
C SER B 17 -4.14 18.71 -15.78
N GLY B 18 -3.16 19.35 -16.42
CA GLY B 18 -2.63 20.65 -15.98
C GLY B 18 -3.54 21.79 -16.39
N GLY B 19 -4.01 21.77 -17.63
CA GLY B 19 -4.92 22.78 -18.18
C GLY B 19 -6.22 22.89 -17.40
N LEU B 20 -6.79 21.76 -17.00
CA LEU B 20 -8.05 21.76 -16.22
C LEU B 20 -7.84 22.24 -14.78
N GLU B 21 -6.74 21.85 -14.12
CA GLU B 21 -6.42 22.38 -12.77
C GLU B 21 -6.29 23.90 -12.88
N ALA B 22 -5.52 24.38 -13.84
CA ALA B 22 -5.29 25.84 -14.06
C ALA B 22 -6.62 26.55 -14.32
N GLY B 23 -7.41 26.08 -15.28
CA GLY B 23 -8.65 26.75 -15.72
C GLY B 23 -9.69 26.77 -14.60
N TRP B 24 -9.85 25.63 -13.93
CA TRP B 24 -10.82 25.49 -12.81
C TRP B 24 -10.38 26.45 -11.69
N ASN B 25 -9.11 26.40 -11.30
CA ASN B 25 -8.61 27.27 -10.22
C ASN B 25 -8.81 28.74 -10.60
N ALA B 26 -8.43 29.14 -11.81
CA ALA B 26 -8.48 30.56 -12.18
C ALA B 26 -9.95 31.01 -12.17
N ALA B 27 -10.89 30.18 -12.66
CA ALA B 27 -12.33 30.51 -12.72
C ALA B 27 -12.95 30.51 -11.31
N THR B 28 -12.64 29.50 -10.49
CA THR B 28 -13.40 29.24 -9.25
C THR B 28 -12.70 29.91 -8.08
N LEU B 29 -11.36 29.86 -8.01
CA LEU B 29 -10.64 30.45 -6.86
C LEU B 29 -10.41 31.93 -7.10
N TYR B 30 -10.16 32.37 -8.34
CA TYR B 30 -9.75 33.78 -8.56
C TYR B 30 -10.81 34.54 -9.38
N GLY B 31 -11.97 33.92 -9.62
CA GLY B 31 -13.13 34.57 -10.27
C GLY B 31 -12.78 35.10 -11.65
N LYS B 32 -11.85 34.47 -12.37
CA LYS B 32 -11.43 34.91 -13.72
C LYS B 32 -12.35 34.29 -14.77
N ARG B 33 -12.53 34.96 -15.92
CA ARG B 33 -13.31 34.41 -17.05
C ARG B 33 -12.34 33.55 -17.87
N VAL B 34 -12.63 32.26 -18.01
CA VAL B 34 -11.66 31.24 -18.48
C VAL B 34 -12.23 30.48 -19.66
N ALA B 35 -11.43 30.40 -20.74
CA ALA B 35 -11.68 29.56 -21.93
C ALA B 35 -10.70 28.40 -21.90
N VAL B 36 -11.16 27.20 -22.24
CA VAL B 36 -10.29 26.00 -22.36
C VAL B 36 -10.62 25.33 -23.69
N VAL B 37 -9.59 24.93 -24.42
CA VAL B 37 -9.73 24.37 -25.79
C VAL B 37 -9.17 22.97 -25.82
N ASP B 38 -9.90 22.05 -26.43
CA ASP B 38 -9.42 20.68 -26.69
C ASP B 38 -10.08 20.17 -27.96
N VAL B 39 -9.49 19.13 -28.53
CA VAL B 39 -9.72 18.71 -29.94
C VAL B 39 -10.87 17.71 -29.98
N GLN B 40 -11.27 17.18 -28.82
CA GLN B 40 -12.26 16.06 -28.72
C GLN B 40 -12.97 16.18 -27.37
N THR B 41 -14.25 15.78 -27.32
CA THR B 41 -15.05 15.83 -26.06
C THR B 41 -15.02 14.45 -25.40
N SER B 42 -14.65 13.40 -26.11
CA SER B 42 -14.54 12.06 -25.49
C SER B 42 -13.41 11.30 -26.15
N HIS B 43 -13.00 10.22 -25.47
CA HIS B 43 -11.77 9.44 -25.73
C HIS B 43 -11.78 8.78 -27.10
N GLY B 44 -10.59 8.50 -27.60
CA GLY B 44 -10.37 7.53 -28.68
C GLY B 44 -10.11 8.20 -30.02
N PRO B 45 -9.96 7.37 -31.06
CA PRO B 45 -9.69 7.84 -32.43
C PRO B 45 -10.72 8.87 -32.86
N PRO B 46 -10.33 9.86 -33.67
CA PRO B 46 -8.98 9.91 -34.24
C PRO B 46 -7.85 10.53 -33.39
N PHE B 47 -8.11 11.41 -32.42
CA PHE B 47 -7.01 12.19 -31.77
C PHE B 47 -6.63 11.62 -30.39
N TYR B 48 -7.36 10.62 -29.87
CA TYR B 48 -7.01 9.79 -28.67
C TYR B 48 -7.17 10.55 -27.36
N ALA B 49 -6.30 11.51 -27.05
CA ALA B 49 -6.54 12.43 -25.93
C ALA B 49 -7.75 13.31 -26.27
N ALA B 50 -8.38 13.89 -25.26
CA ALA B 50 -9.66 14.59 -25.38
C ALA B 50 -9.85 15.35 -24.10
N LEU B 51 -11.01 15.99 -23.96
CA LEU B 51 -11.45 16.53 -22.67
C LEU B 51 -11.03 15.58 -21.56
N GLY B 52 -10.25 16.06 -20.61
CA GLY B 52 -9.74 15.27 -19.48
C GLY B 52 -8.25 15.04 -19.59
N GLY B 53 -7.70 15.05 -20.81
CA GLY B 53 -6.24 14.91 -21.05
C GLY B 53 -5.81 13.49 -21.36
N THR B 54 -4.50 13.29 -21.42
CA THR B 54 -3.87 12.04 -21.85
C THR B 54 -4.08 11.00 -20.75
N CYS B 55 -3.95 11.42 -19.51
CA CYS B 55 -4.01 10.50 -18.35
C CYS B 55 -5.40 9.85 -18.33
N VAL B 56 -6.42 10.68 -18.39
CA VAL B 56 -7.84 10.24 -18.35
C VAL B 56 -8.10 9.30 -19.52
N ASN B 57 -7.71 9.72 -20.71
CA ASN B 57 -8.24 9.15 -21.97
C ASN B 57 -7.38 7.98 -22.42
N VAL B 58 -6.06 8.14 -22.43
CA VAL B 58 -5.14 7.12 -22.99
C VAL B 58 -3.87 7.13 -22.15
N GLY B 59 -4.02 7.12 -20.82
CA GLY B 59 -2.85 7.04 -19.93
C GLY B 59 -3.21 6.44 -18.60
N CYS B 60 -2.90 7.16 -17.52
CA CYS B 60 -2.85 6.59 -16.13
C CYS B 60 -4.16 5.82 -15.87
N VAL B 61 -5.30 6.43 -16.14
CA VAL B 61 -6.61 5.90 -15.68
C VAL B 61 -6.89 4.56 -16.38
N PRO B 62 -6.99 4.52 -17.73
CA PRO B 62 -7.23 3.25 -18.41
C PRO B 62 -6.10 2.25 -18.22
N LYS B 63 -4.84 2.71 -18.21
CA LYS B 63 -3.73 1.73 -18.10
C LYS B 63 -3.85 1.04 -16.74
N LYS B 64 -4.18 1.76 -15.66
CA LYS B 64 -4.25 1.18 -14.30
C LYS B 64 -5.36 0.12 -14.26
N LEU B 65 -6.51 0.42 -14.85
CA LEU B 65 -7.63 -0.55 -14.98
C LEU B 65 -7.16 -1.79 -15.72
N MET B 66 -6.38 -1.63 -16.79
CA MET B 66 -5.95 -2.77 -17.59
C MET B 66 -4.89 -3.57 -16.84
N VAL B 67 -4.01 -2.91 -16.10
CA VAL B 67 -3.02 -3.66 -15.28
C VAL B 67 -3.77 -4.40 -14.17
N THR B 68 -4.77 -3.77 -13.58
CA THR B 68 -5.60 -4.44 -12.54
C THR B 68 -6.15 -5.73 -13.18
N GLY B 69 -6.71 -5.64 -14.38
CA GLY B 69 -7.20 -6.82 -15.12
C GLY B 69 -6.11 -7.88 -15.27
N ALA B 70 -4.91 -7.48 -15.69
CA ALA B 70 -3.77 -8.37 -15.96
C ALA B 70 -3.36 -9.06 -14.67
N GLN B 71 -3.46 -8.36 -13.53
CA GLN B 71 -3.10 -8.94 -12.21
C GLN B 71 -3.92 -10.20 -11.92
N TYR B 72 -5.15 -10.33 -12.42
CA TYR B 72 -5.96 -11.55 -12.11
C TYR B 72 -5.31 -12.81 -12.69
N MET B 73 -4.45 -12.70 -13.71
CA MET B 73 -3.76 -13.92 -14.17
C MET B 73 -2.92 -14.48 -13.02
N ASP B 74 -2.24 -13.61 -12.30
CA ASP B 74 -1.42 -14.01 -11.15
C ASP B 74 -2.37 -14.47 -10.04
N HIS B 75 -3.45 -13.73 -9.75
CA HIS B 75 -4.32 -14.05 -8.59
C HIS B 75 -4.93 -15.44 -8.81
N LEU B 76 -5.47 -15.71 -10.01
CA LEU B 76 -6.08 -17.03 -10.30
C LEU B 76 -5.06 -18.13 -10.04
N ARG B 77 -3.85 -17.99 -10.57
CA ARG B 77 -2.78 -19.02 -10.37
C ARG B 77 -2.41 -19.12 -8.88
N GLU B 78 -2.20 -17.97 -8.24
CA GLU B 78 -1.66 -17.88 -6.87
C GLU B 78 -2.71 -18.41 -5.88
N SER B 79 -4.00 -18.29 -6.19
CA SER B 79 -5.10 -18.76 -5.33
C SER B 79 -4.88 -20.23 -4.94
N ALA B 80 -4.28 -21.02 -5.81
CA ALA B 80 -4.19 -22.48 -5.59
C ALA B 80 -3.33 -22.77 -4.36
N GLY B 81 -2.29 -21.98 -4.09
CA GLY B 81 -1.42 -22.20 -2.92
C GLY B 81 -2.20 -22.08 -1.62
N PHE B 82 -3.29 -21.31 -1.66
CA PHE B 82 -4.17 -21.00 -0.49
C PHE B 82 -5.40 -21.91 -0.50
N GLY B 83 -5.38 -22.94 -1.36
CA GLY B 83 -6.38 -24.02 -1.38
C GLY B 83 -7.51 -23.79 -2.36
N TRP B 84 -7.43 -22.76 -3.19
CA TRP B 84 -8.53 -22.50 -4.15
C TRP B 84 -8.37 -23.49 -5.29
N GLU B 85 -9.50 -24.05 -5.69
CA GLU B 85 -9.59 -25.10 -6.73
C GLU B 85 -10.65 -24.64 -7.70
N PHE B 86 -10.37 -24.77 -8.99
CA PHE B 86 -11.38 -24.58 -10.04
C PHE B 86 -10.84 -25.14 -11.35
N ASP B 87 -11.69 -25.17 -12.35
CA ASP B 87 -11.33 -25.77 -13.66
C ASP B 87 -10.42 -24.81 -14.43
N GLY B 88 -9.10 -25.04 -14.34
CA GLY B 88 -8.06 -24.26 -15.05
C GLY B 88 -8.33 -24.16 -16.55
N SER B 89 -8.85 -25.21 -17.15
CA SER B 89 -9.06 -25.26 -18.62
C SER B 89 -10.31 -24.44 -18.99
N SER B 90 -11.09 -23.96 -18.01
CA SER B 90 -12.26 -23.09 -18.31
C SER B 90 -11.83 -21.62 -18.32
N VAL B 91 -10.56 -21.32 -18.03
CA VAL B 91 -10.12 -19.92 -17.80
C VAL B 91 -9.88 -19.23 -19.14
N LYS B 92 -10.54 -18.09 -19.37
CA LYS B 92 -10.33 -17.20 -20.52
C LYS B 92 -10.21 -15.78 -20.01
N ALA B 93 -9.23 -15.06 -20.52
CA ALA B 93 -9.05 -13.60 -20.36
C ALA B 93 -9.73 -12.92 -21.53
N ASN B 94 -10.95 -12.44 -21.31
CA ASN B 94 -11.75 -11.76 -22.37
C ASN B 94 -11.34 -10.29 -22.41
N TRP B 95 -10.40 -9.99 -23.32
CA TRP B 95 -9.89 -8.64 -23.62
C TRP B 95 -11.02 -7.71 -24.04
N LYS B 96 -12.02 -8.23 -24.78
CA LYS B 96 -13.12 -7.37 -25.32
C LYS B 96 -13.87 -6.75 -24.13
N LYS B 97 -14.16 -7.56 -23.11
CA LYS B 97 -14.85 -7.11 -21.89
C LYS B 97 -13.99 -6.07 -21.15
N LEU B 98 -12.69 -6.33 -21.01
CA LEU B 98 -11.78 -5.36 -20.37
C LEU B 98 -11.89 -4.02 -21.11
N ILE B 99 -11.73 -4.05 -22.42
CA ILE B 99 -11.70 -2.79 -23.22
C ILE B 99 -13.05 -2.09 -23.09
N ALA B 100 -14.14 -2.85 -23.12
CA ALA B 100 -15.49 -2.25 -23.03
C ALA B 100 -15.64 -1.61 -21.64
N ALA B 101 -15.19 -2.30 -20.58
CA ALA B 101 -15.29 -1.78 -19.20
C ALA B 101 -14.46 -0.49 -19.09
N LYS B 102 -13.26 -0.50 -19.66
CA LYS B 102 -12.32 0.65 -19.66
C LYS B 102 -12.96 1.83 -20.41
N ASN B 103 -13.49 1.58 -21.60
CA ASN B 103 -14.17 2.59 -22.46
C ASN B 103 -15.29 3.28 -21.67
N GLU B 104 -16.13 2.53 -20.96
CA GLU B 104 -17.24 3.12 -20.17
C GLU B 104 -16.71 4.00 -19.04
N ALA B 105 -15.71 3.52 -18.30
CA ALA B 105 -15.07 4.28 -17.21
C ALA B 105 -14.50 5.58 -17.76
N VAL B 106 -13.78 5.53 -18.89
CA VAL B 106 -13.20 6.75 -19.52
C VAL B 106 -14.32 7.68 -20.00
N LEU B 107 -15.31 7.16 -20.71
CA LEU B 107 -16.42 8.00 -21.23
C LEU B 107 -17.14 8.67 -20.06
N ASP B 108 -17.36 7.97 -18.94
CA ASP B 108 -18.01 8.58 -17.75
C ASP B 108 -17.20 9.80 -17.30
N ILE B 109 -15.88 9.69 -17.29
CA ILE B 109 -15.01 10.84 -16.92
C ILE B 109 -15.18 11.95 -17.96
N ASN B 110 -15.10 11.61 -19.24
CA ASN B 110 -15.35 12.58 -20.34
C ASN B 110 -16.65 13.35 -20.03
N LYS B 111 -17.74 12.61 -19.79
CA LYS B 111 -19.07 13.18 -19.53
C LYS B 111 -19.03 14.08 -18.29
N SER B 112 -18.38 13.67 -17.21
CA SER B 112 -18.38 14.45 -15.97
C SER B 112 -17.66 15.80 -16.21
N TYR B 113 -16.55 15.82 -16.97
CA TYR B 113 -15.85 17.08 -17.36
C TYR B 113 -16.76 17.95 -18.23
N GLU B 114 -17.46 17.36 -19.18
CA GLU B 114 -18.49 18.05 -19.99
C GLU B 114 -19.52 18.75 -19.09
N GLY B 115 -19.98 18.07 -18.04
CA GLY B 115 -20.96 18.61 -17.09
C GLY B 115 -20.34 19.70 -16.26
N MET B 116 -19.08 19.50 -15.82
CA MET B 116 -18.26 20.50 -15.08
C MET B 116 -18.26 21.83 -15.86
N PHE B 117 -18.01 21.82 -17.17
CA PHE B 117 -17.98 23.05 -18.01
C PHE B 117 -19.39 23.64 -18.10
N ASN B 118 -20.39 22.79 -18.28
CA ASN B 118 -21.80 23.23 -18.42
C ASN B 118 -22.28 23.91 -17.15
N ASP B 119 -21.80 23.45 -15.98
CA ASP B 119 -22.30 23.86 -14.63
C ASP B 119 -21.40 24.91 -13.98
N THR B 120 -20.18 25.19 -14.49
CA THR B 120 -19.22 26.15 -13.90
C THR B 120 -19.25 27.46 -14.69
N GLU B 121 -19.86 28.48 -14.12
CA GLU B 121 -19.96 29.82 -14.76
C GLU B 121 -18.54 30.40 -14.88
N GLY B 122 -18.24 31.09 -15.97
CA GLY B 122 -16.95 31.75 -16.16
C GLY B 122 -15.87 30.76 -16.58
N LEU B 123 -16.26 29.50 -16.85
CA LEU B 123 -15.37 28.44 -17.36
C LEU B 123 -16.01 27.82 -18.61
N ASP B 124 -15.46 28.14 -19.79
CA ASP B 124 -16.07 27.79 -21.10
C ASP B 124 -15.13 26.85 -21.85
N PHE B 125 -15.69 25.81 -22.43
CA PHE B 125 -15.01 24.82 -23.28
C PHE B 125 -15.25 25.18 -24.74
N PHE B 126 -14.20 25.15 -25.55
CA PHE B 126 -14.29 25.26 -27.03
C PHE B 126 -13.65 24.04 -27.66
N LEU B 127 -14.38 23.43 -28.59
CA LEU B 127 -13.95 22.24 -29.35
C LEU B 127 -13.20 22.69 -30.60
N GLY B 128 -12.03 22.12 -30.81
CA GLY B 128 -11.23 22.25 -32.04
C GLY B 128 -9.76 22.43 -31.69
N TRP B 129 -8.97 22.89 -32.66
CA TRP B 129 -7.49 23.05 -32.56
C TRP B 129 -7.11 24.49 -32.23
N GLY B 130 -6.54 24.69 -31.04
CA GLY B 130 -6.05 25.99 -30.56
C GLY B 130 -4.66 26.25 -31.10
N SER B 131 -4.41 27.47 -31.57
CA SER B 131 -3.07 27.97 -31.99
C SER B 131 -2.98 29.45 -31.64
N LEU B 132 -1.78 30.01 -31.66
CA LEU B 132 -1.57 31.44 -31.33
C LEU B 132 -1.63 32.24 -32.63
N GLU B 133 -2.57 33.18 -32.72
CA GLU B 133 -2.64 34.13 -33.87
C GLU B 133 -1.72 35.29 -33.53
N SER B 134 -1.83 35.79 -32.30
CA SER B 134 -1.05 36.91 -31.72
C SER B 134 -0.95 36.68 -30.21
N LYS B 135 -0.24 37.55 -29.47
CA LYS B 135 0.16 37.26 -28.08
C LYS B 135 -1.06 37.39 -27.15
N ASN B 136 -2.18 37.91 -27.65
CA ASN B 136 -3.45 38.05 -26.88
C ASN B 136 -4.59 37.47 -27.70
N VAL B 137 -4.32 36.66 -28.72
CA VAL B 137 -5.43 36.04 -29.49
C VAL B 137 -5.14 34.57 -29.74
N VAL B 138 -5.97 33.69 -29.18
CA VAL B 138 -5.98 32.25 -29.56
C VAL B 138 -7.02 32.03 -30.65
N VAL B 139 -6.64 31.32 -31.70
CA VAL B 139 -7.57 30.92 -32.77
C VAL B 139 -7.84 29.44 -32.62
N VAL B 140 -9.12 29.07 -32.61
CA VAL B 140 -9.59 27.67 -32.57
C VAL B 140 -10.05 27.35 -33.98
N ARG B 141 -9.44 26.34 -34.58
CA ARG B 141 -9.73 25.91 -35.97
C ARG B 141 -10.30 24.51 -36.00
N GLU B 142 -10.83 24.15 -37.17
CA GLU B 142 -11.49 22.86 -37.44
C GLU B 142 -10.51 21.72 -37.29
N THR B 143 -9.29 21.86 -37.82
CA THR B 143 -8.26 20.78 -37.80
C THR B 143 -6.92 21.37 -37.40
N ALA B 144 -5.92 20.50 -37.28
CA ALA B 144 -4.50 20.79 -36.95
C ALA B 144 -3.85 21.61 -38.07
N ASP B 145 -4.38 21.48 -39.30
CA ASP B 145 -3.95 22.29 -40.47
C ASP B 145 -4.34 23.76 -40.24
N PRO B 146 -3.35 24.69 -40.21
CA PRO B 146 -3.63 26.09 -39.88
C PRO B 146 -4.44 26.84 -40.96
N LYS B 147 -4.69 26.19 -42.11
CA LYS B 147 -5.54 26.73 -43.19
C LYS B 147 -6.98 26.21 -43.04
N SER B 148 -7.26 25.35 -42.05
CA SER B 148 -8.65 24.85 -41.79
C SER B 148 -9.53 26.00 -41.30
N ALA B 149 -10.85 25.83 -41.33
CA ALA B 149 -11.84 26.87 -40.98
C ALA B 149 -11.71 27.33 -39.53
N VAL B 150 -11.86 28.63 -39.30
CA VAL B 150 -11.83 29.27 -37.96
C VAL B 150 -13.17 29.03 -37.29
N LYS B 151 -13.16 28.44 -36.09
CA LYS B 151 -14.38 28.24 -35.29
C LYS B 151 -14.49 29.40 -34.32
N GLU B 152 -13.38 29.80 -33.71
CA GLU B 152 -13.42 30.89 -32.71
C GLU B 152 -12.13 31.68 -32.78
N ARG B 153 -12.18 32.94 -32.34
CA ARG B 153 -10.99 33.76 -32.07
C ARG B 153 -11.18 34.36 -30.67
N LEU B 154 -10.27 34.00 -29.78
CA LEU B 154 -10.40 34.25 -28.33
C LEU B 154 -9.37 35.29 -27.93
N GLN B 155 -9.86 36.47 -27.52
CA GLN B 155 -9.04 37.54 -26.90
C GLN B 155 -8.72 37.06 -25.48
N ALA B 156 -7.44 37.11 -25.12
CA ALA B 156 -6.84 36.51 -23.91
C ALA B 156 -5.83 37.49 -23.31
N ASP B 157 -6.11 38.01 -22.12
CA ASP B 157 -5.11 38.74 -21.31
C ASP B 157 -3.93 37.78 -21.13
N HIS B 158 -4.23 36.51 -20.84
CA HIS B 158 -3.22 35.49 -20.48
C HIS B 158 -3.53 34.20 -21.23
N ILE B 159 -2.49 33.53 -21.70
CA ILE B 159 -2.57 32.27 -22.47
C ILE B 159 -1.69 31.20 -21.79
N LEU B 160 -2.31 30.07 -21.49
CA LEU B 160 -1.61 28.87 -20.95
C LEU B 160 -1.54 27.81 -22.04
N LEU B 161 -0.34 27.37 -22.34
CA LEU B 161 -0.08 26.25 -23.27
C LEU B 161 -0.04 24.97 -22.44
N ALA B 162 -0.93 24.03 -22.71
CA ALA B 162 -1.06 22.82 -21.87
C ALA B 162 -1.48 21.65 -22.76
N THR B 163 -0.78 21.49 -23.90
CA THR B 163 -1.17 20.56 -24.99
C THR B 163 -0.55 19.18 -24.78
N GLY B 164 0.29 19.02 -23.76
CA GLY B 164 0.84 17.73 -23.37
C GLY B 164 1.88 17.23 -24.37
N SER B 165 2.02 15.92 -24.44
CA SER B 165 3.03 15.21 -25.24
C SER B 165 2.33 14.21 -26.14
N TRP B 166 3.12 13.54 -26.97
CA TRP B 166 2.64 12.68 -28.06
C TRP B 166 3.68 11.57 -28.25
N PRO B 167 3.27 10.35 -28.64
CA PRO B 167 4.23 9.27 -28.75
C PRO B 167 5.25 9.62 -29.85
N GLN B 168 6.51 9.29 -29.62
CA GLN B 168 7.61 9.39 -30.61
C GLN B 168 7.61 8.10 -31.45
N MET B 169 7.72 8.22 -32.77
CA MET B 169 7.79 7.02 -33.67
C MET B 169 9.11 7.09 -34.42
N PRO B 170 9.96 6.05 -34.35
CA PRO B 170 11.24 6.10 -35.06
C PRO B 170 10.93 6.07 -36.57
N ALA B 171 11.50 7.01 -37.33
CA ALA B 171 11.54 6.98 -38.81
C ALA B 171 12.32 5.74 -39.23
N ILE B 172 11.70 4.56 -39.15
CA ILE B 172 12.23 3.28 -39.72
C ILE B 172 11.29 2.83 -40.83
N PRO B 173 11.77 1.99 -41.77
CA PRO B 173 10.90 1.43 -42.81
C PRO B 173 9.86 0.54 -42.12
N GLY B 174 8.59 0.77 -42.50
CA GLY B 174 7.44 0.01 -41.97
C GLY B 174 6.94 0.58 -40.66
N ILE B 175 7.37 1.81 -40.30
CA ILE B 175 6.79 2.52 -39.12
C ILE B 175 5.25 2.48 -39.20
N GLU B 176 4.68 2.61 -40.41
CA GLU B 176 3.20 2.62 -40.65
C GLU B 176 2.54 1.31 -40.18
N HIS B 177 3.29 0.23 -39.99
CA HIS B 177 2.79 -1.10 -39.57
C HIS B 177 2.86 -1.26 -38.05
N CYS B 178 3.29 -0.20 -37.35
CA CYS B 178 3.47 -0.16 -35.88
C CYS B 178 2.42 0.75 -35.25
N ILE B 179 2.14 0.54 -33.97
CA ILE B 179 1.21 1.41 -33.20
C ILE B 179 1.98 2.05 -32.05
N SER B 180 1.33 2.96 -31.36
CA SER B 180 1.82 3.54 -30.08
C SER B 180 0.89 3.04 -28.97
N SER B 181 1.08 3.54 -27.76
CA SER B 181 0.16 3.24 -26.66
C SER B 181 -1.26 3.69 -27.05
N ASN B 182 -1.39 4.76 -27.82
CA ASN B 182 -2.70 5.36 -28.16
C ASN B 182 -3.58 4.25 -28.76
N GLU B 183 -3.08 3.55 -29.78
CA GLU B 183 -3.82 2.50 -30.52
C GLU B 183 -4.00 1.27 -29.63
N ALA B 184 -3.02 0.97 -28.77
CA ALA B 184 -3.04 -0.22 -27.90
C ALA B 184 -4.31 -0.24 -27.03
N PHE B 185 -4.79 0.93 -26.63
CA PHE B 185 -6.01 1.07 -25.80
C PHE B 185 -7.25 0.69 -26.60
N TYR B 186 -7.14 0.54 -27.92
CA TYR B 186 -8.34 0.30 -28.77
C TYR B 186 -8.22 -0.96 -29.62
N LEU B 187 -7.20 -1.77 -29.40
CA LEU B 187 -7.06 -3.05 -30.13
C LEU B 187 -8.35 -3.83 -29.90
N PRO B 188 -9.01 -4.30 -30.98
CA PRO B 188 -10.31 -4.99 -30.83
C PRO B 188 -10.12 -6.38 -30.24
N GLU B 189 -8.97 -6.99 -30.52
CA GLU B 189 -8.60 -8.34 -30.06
C GLU B 189 -7.24 -8.27 -29.40
N PRO B 190 -6.98 -9.13 -28.40
CA PRO B 190 -5.68 -9.15 -27.72
C PRO B 190 -4.67 -9.83 -28.64
N PRO B 191 -3.51 -9.20 -28.93
CA PRO B 191 -2.52 -9.81 -29.81
C PRO B 191 -1.99 -11.12 -29.24
N ARG B 192 -1.86 -12.14 -30.10
CA ARG B 192 -1.26 -13.44 -29.72
C ARG B 192 0.26 -13.24 -29.49
N ARG B 193 0.90 -12.52 -30.40
CA ARG B 193 2.32 -12.14 -30.33
C ARG B 193 2.41 -10.64 -30.43
N VAL B 194 3.09 -10.03 -29.46
CA VAL B 194 3.27 -8.57 -29.45
C VAL B 194 4.72 -8.30 -29.04
N LEU B 195 5.30 -7.35 -29.74
CA LEU B 195 6.58 -6.70 -29.39
C LEU B 195 6.27 -5.32 -28.82
N THR B 196 6.70 -5.09 -27.58
CA THR B 196 6.72 -3.73 -27.00
C THR B 196 8.15 -3.23 -27.19
N VAL B 197 8.27 -2.09 -27.82
CA VAL B 197 9.59 -1.47 -28.11
C VAL B 197 9.79 -0.33 -27.13
N GLY B 198 10.78 -0.47 -26.25
CA GLY B 198 11.11 0.56 -25.23
C GLY B 198 11.33 -0.11 -23.90
N GLY B 199 12.18 0.46 -23.06
CA GLY B 199 12.49 -0.07 -21.72
C GLY B 199 11.84 0.76 -20.62
N GLY B 200 10.96 1.71 -20.98
CA GLY B 200 10.33 2.66 -20.05
C GLY B 200 9.05 2.09 -19.46
N PHE B 201 8.36 2.86 -18.62
CA PHE B 201 7.20 2.36 -17.87
C PHE B 201 6.09 1.95 -18.85
N ILE B 202 5.93 2.67 -19.96
CA ILE B 202 4.77 2.37 -20.86
C ILE B 202 4.99 1.00 -21.48
N SER B 203 6.19 0.75 -22.03
CA SER B 203 6.55 -0.55 -22.61
C SER B 203 6.38 -1.68 -21.59
N VAL B 204 6.92 -1.50 -20.39
CA VAL B 204 6.90 -2.53 -19.33
C VAL B 204 5.43 -2.75 -18.91
N GLU B 205 4.68 -1.67 -18.75
CA GLU B 205 3.29 -1.80 -18.22
C GLU B 205 2.44 -2.53 -19.25
N PHE B 206 2.52 -2.11 -20.52
CA PHE B 206 1.80 -2.80 -21.62
C PHE B 206 2.33 -4.21 -21.80
N ALA B 207 3.61 -4.50 -21.60
CA ALA B 207 4.08 -5.90 -21.73
C ALA B 207 3.31 -6.76 -20.73
N GLY B 208 3.08 -6.24 -19.52
CA GLY B 208 2.34 -7.01 -18.50
C GLY B 208 0.89 -7.18 -18.90
N ILE B 209 0.25 -6.12 -19.44
CA ILE B 209 -1.19 -6.18 -19.83
C ILE B 209 -1.38 -7.27 -20.90
N PHE B 210 -0.64 -7.16 -21.99
CA PHE B 210 -0.69 -8.12 -23.12
C PHE B 210 -0.34 -9.53 -22.65
N ASN B 211 0.58 -9.65 -21.70
CA ASN B 211 1.01 -10.99 -21.23
C ASN B 211 -0.17 -11.71 -20.55
N ALA B 212 -1.06 -10.98 -19.89
CA ALA B 212 -2.16 -11.61 -19.12
C ALA B 212 -3.31 -11.97 -20.06
N TYR B 213 -3.55 -11.18 -21.09
CA TYR B 213 -4.75 -11.28 -21.96
C TYR B 213 -4.41 -12.01 -23.27
N LYS B 214 -3.15 -12.41 -23.45
CA LYS B 214 -2.75 -13.03 -24.74
C LYS B 214 -3.54 -14.34 -24.89
N PRO B 215 -4.03 -14.65 -26.10
CA PRO B 215 -4.68 -15.93 -26.34
C PRO B 215 -3.71 -17.08 -26.13
N PRO B 216 -4.21 -18.32 -25.96
CA PRO B 216 -3.34 -19.49 -25.75
C PRO B 216 -2.22 -19.62 -26.81
N GLY B 217 -1.06 -20.09 -26.36
CA GLY B 217 0.19 -20.14 -27.15
C GLY B 217 0.65 -18.76 -27.57
N GLY B 218 0.25 -17.70 -26.88
CA GLY B 218 0.68 -16.34 -27.21
C GLY B 218 2.04 -16.06 -26.63
N LYS B 219 2.66 -14.95 -27.00
CA LYS B 219 4.01 -14.60 -26.49
C LYS B 219 4.19 -13.09 -26.55
N VAL B 220 4.60 -12.51 -25.42
CA VAL B 220 4.99 -11.07 -25.30
C VAL B 220 6.50 -10.97 -25.25
N THR B 221 7.00 -10.11 -26.12
CA THR B 221 8.43 -9.72 -26.22
C THR B 221 8.52 -8.22 -26.00
N LEU B 222 9.47 -7.84 -25.16
CA LEU B 222 9.88 -6.44 -24.93
C LEU B 222 11.33 -6.30 -25.39
N CYS B 223 11.59 -5.27 -26.19
CA CYS B 223 12.95 -4.97 -26.67
C CYS B 223 13.34 -3.57 -26.20
N TYR B 224 14.63 -3.46 -25.89
CA TYR B 224 15.24 -2.22 -25.40
C TYR B 224 16.67 -2.15 -25.90
N ARG B 225 17.07 -0.98 -26.39
CA ARG B 225 18.40 -0.70 -26.99
C ARG B 225 19.49 -0.82 -25.94
N ASN B 226 19.22 -0.36 -24.71
CA ASN B 226 20.25 -0.35 -23.64
C ASN B 226 20.24 -1.74 -23.01
N ASN B 227 21.15 -1.97 -22.06
CA ASN B 227 21.48 -3.28 -21.46
C ASN B 227 20.44 -3.71 -20.40
N LEU B 228 19.70 -2.77 -19.80
CA LEU B 228 18.84 -3.07 -18.63
C LEU B 228 17.67 -2.10 -18.64
N ILE B 229 16.44 -2.60 -18.60
CA ILE B 229 15.20 -1.79 -18.72
C ILE B 229 15.11 -0.78 -17.58
N LEU B 230 14.25 0.22 -17.76
CA LEU B 230 13.81 1.19 -16.74
C LEU B 230 15.00 2.01 -16.23
N ARG B 231 15.77 2.58 -17.14
N ARG B 231 15.75 2.60 -17.16
CA ARG B 231 16.74 3.63 -16.77
CA ARG B 231 16.72 3.70 -16.86
C ARG B 231 16.02 4.71 -15.97
C ARG B 231 16.02 4.75 -15.99
N GLY B 232 16.69 5.25 -14.96
CA GLY B 232 16.15 6.29 -14.08
C GLY B 232 15.67 5.68 -12.77
N PHE B 233 15.46 4.36 -12.77
CA PHE B 233 14.98 3.62 -11.57
C PHE B 233 16.19 2.98 -10.89
N ASP B 234 15.98 2.61 -9.64
CA ASP B 234 16.98 1.89 -8.82
C ASP B 234 17.48 0.65 -9.55
N GLU B 235 18.80 0.43 -9.52
CA GLU B 235 19.40 -0.61 -10.40
C GLU B 235 19.00 -2.01 -9.91
N THR B 236 18.91 -2.24 -8.61
CA THR B 236 18.45 -3.54 -8.07
C THR B 236 17.03 -3.81 -8.54
N ILE B 237 16.18 -2.80 -8.48
CA ILE B 237 14.78 -2.91 -8.97
C ILE B 237 14.77 -3.18 -10.47
N ARG B 238 15.62 -2.53 -11.26
CA ARG B 238 15.69 -2.78 -12.73
C ARG B 238 15.97 -4.26 -13.01
N GLU B 239 16.93 -4.84 -12.29
CA GLU B 239 17.38 -6.24 -12.46
C GLU B 239 16.26 -7.18 -12.02
N GLU B 240 15.62 -6.88 -10.88
CA GLU B 240 14.54 -7.77 -10.35
C GLU B 240 13.30 -7.70 -11.23
N VAL B 241 12.89 -6.51 -11.67
CA VAL B 241 11.68 -6.41 -12.53
C VAL B 241 11.97 -7.20 -13.82
N THR B 242 13.18 -7.07 -14.40
CA THR B 242 13.61 -7.91 -15.56
C THR B 242 13.39 -9.40 -15.24
N LYS B 243 13.90 -9.87 -14.11
CA LYS B 243 13.76 -11.29 -13.71
C LYS B 243 12.28 -11.67 -13.53
N GLN B 244 11.46 -10.78 -12.99
CA GLN B 244 10.09 -11.13 -12.58
C GLN B 244 9.17 -11.11 -13.80
N LEU B 245 9.44 -10.23 -14.77
CA LEU B 245 8.74 -10.25 -16.07
C LEU B 245 9.07 -11.57 -16.76
N THR B 246 10.36 -11.89 -16.83
CA THR B 246 10.87 -13.13 -17.45
C THR B 246 10.15 -14.31 -16.79
N ALA B 247 10.07 -14.34 -15.46
CA ALA B 247 9.54 -15.51 -14.74
C ALA B 247 8.05 -15.71 -15.08
N ASN B 248 7.37 -14.65 -15.48
CA ASN B 248 5.94 -14.66 -15.86
C ASN B 248 5.77 -14.80 -17.38
N GLY B 249 6.84 -15.09 -18.12
CA GLY B 249 6.75 -15.57 -19.51
C GLY B 249 6.99 -14.49 -20.53
N ILE B 250 7.45 -13.32 -20.11
CA ILE B 250 7.76 -12.21 -21.05
C ILE B 250 9.23 -12.34 -21.47
N GLU B 251 9.49 -12.24 -22.77
CA GLU B 251 10.85 -12.31 -23.36
C GLU B 251 11.43 -10.89 -23.41
N ILE B 252 12.46 -10.64 -22.61
CA ILE B 252 13.12 -9.31 -22.53
C ILE B 252 14.32 -9.38 -23.47
N MET B 253 14.29 -8.63 -24.57
CA MET B 253 15.41 -8.49 -25.55
C MET B 253 16.16 -7.19 -25.30
N THR B 254 17.24 -7.22 -24.54
CA THR B 254 18.05 -6.01 -24.25
C THR B 254 19.14 -5.91 -25.32
N ASN B 255 19.62 -4.69 -25.56
CA ASN B 255 20.59 -4.34 -26.62
C ASN B 255 20.00 -4.67 -28.00
N GLU B 256 18.69 -4.44 -28.18
CA GLU B 256 18.00 -4.77 -29.44
C GLU B 256 17.07 -3.62 -29.78
N ASN B 257 16.98 -3.29 -31.07
CA ASN B 257 16.11 -2.21 -31.56
C ASN B 257 15.60 -2.64 -32.93
N PRO B 258 14.32 -2.38 -33.27
CA PRO B 258 13.80 -2.67 -34.61
C PRO B 258 14.55 -1.81 -35.64
N ALA B 259 15.06 -2.46 -36.70
CA ALA B 259 15.64 -1.79 -37.89
C ALA B 259 14.53 -1.51 -38.90
N LYS B 260 13.61 -2.44 -39.07
CA LYS B 260 12.45 -2.29 -39.98
C LYS B 260 11.35 -3.33 -39.70
N VAL B 261 10.19 -3.03 -40.25
CA VAL B 261 8.98 -3.90 -40.16
C VAL B 261 8.41 -4.05 -41.57
N SER B 262 8.17 -5.28 -41.98
CA SER B 262 7.39 -5.63 -43.19
C SER B 262 6.23 -6.53 -42.78
N LEU B 263 5.18 -6.59 -43.62
CA LEU B 263 4.03 -7.53 -43.45
C LEU B 263 4.41 -8.89 -44.05
N ASN B 264 4.27 -9.98 -43.27
CA ASN B 264 4.13 -11.36 -43.77
C ASN B 264 2.85 -11.41 -44.64
N THR B 265 2.64 -12.49 -45.38
CA THR B 265 1.53 -12.55 -46.39
C THR B 265 0.19 -12.60 -45.64
N ASP B 266 0.16 -13.26 -44.46
CA ASP B 266 -1.03 -13.37 -43.58
C ASP B 266 -1.32 -12.05 -42.83
N GLY B 267 -0.51 -11.00 -43.03
CA GLY B 267 -0.75 -9.65 -42.48
C GLY B 267 -0.08 -9.41 -41.13
N SER B 268 0.49 -10.45 -40.50
CA SER B 268 1.33 -10.33 -39.28
C SER B 268 2.56 -9.47 -39.60
N LYS B 269 3.26 -9.02 -38.56
CA LYS B 269 4.39 -8.07 -38.69
C LYS B 269 5.69 -8.87 -38.54
N HIS B 270 6.57 -8.71 -39.51
CA HIS B 270 7.89 -9.37 -39.56
C HIS B 270 8.92 -8.34 -39.12
N VAL B 271 9.54 -8.57 -37.97
CA VAL B 271 10.43 -7.53 -37.41
C VAL B 271 11.87 -7.96 -37.65
N THR B 272 12.66 -7.04 -38.20
CA THR B 272 14.13 -7.18 -38.30
C THR B 272 14.78 -6.19 -37.32
N PHE B 273 15.51 -6.75 -36.37
CA PHE B 273 16.29 -5.98 -35.38
C PHE B 273 17.65 -5.63 -35.99
N GLU B 274 18.26 -4.56 -35.51
CA GLU B 274 19.60 -4.07 -35.92
C GLU B 274 20.63 -5.20 -35.80
N SER B 275 20.39 -6.14 -34.88
CA SER B 275 21.23 -7.34 -34.66
C SER B 275 20.98 -8.38 -35.76
N GLY B 276 19.96 -8.17 -36.60
CA GLY B 276 19.53 -9.12 -37.65
C GLY B 276 18.72 -10.28 -37.08
N LYS B 277 18.44 -10.31 -35.77
CA LYS B 277 17.41 -11.23 -35.22
C LYS B 277 16.09 -10.85 -35.91
N THR B 278 15.17 -11.80 -35.99
CA THR B 278 13.82 -11.57 -36.57
C THR B 278 12.81 -12.10 -35.59
N LEU B 279 11.63 -11.48 -35.63
CA LEU B 279 10.48 -11.83 -34.76
C LEU B 279 9.24 -11.57 -35.58
N ASP B 280 8.34 -12.55 -35.65
CA ASP B 280 7.00 -12.34 -36.25
C ASP B 280 6.02 -12.11 -35.11
N VAL B 281 5.23 -11.03 -35.22
CA VAL B 281 4.24 -10.64 -34.17
C VAL B 281 3.00 -10.11 -34.85
N ASP B 282 1.90 -10.05 -34.11
CA ASP B 282 0.60 -9.49 -34.56
C ASP B 282 0.62 -7.99 -34.32
N VAL B 283 1.33 -7.54 -33.29
CA VAL B 283 1.38 -6.09 -32.94
C VAL B 283 2.84 -5.71 -32.60
N VAL B 284 3.24 -4.53 -33.06
CA VAL B 284 4.48 -3.82 -32.68
C VAL B 284 4.05 -2.51 -32.02
N MET B 285 4.19 -2.43 -30.69
CA MET B 285 3.83 -1.20 -29.97
C MET B 285 5.13 -0.45 -29.66
N MET B 286 5.29 0.70 -30.30
CA MET B 286 6.38 1.66 -30.05
C MET B 286 6.09 2.44 -28.76
N ALA B 287 6.95 2.28 -27.76
CA ALA B 287 6.92 3.08 -26.52
C ALA B 287 8.34 3.58 -26.22
N ILE B 288 8.92 4.38 -27.12
CA ILE B 288 10.35 4.80 -27.06
C ILE B 288 10.47 6.24 -26.60
N GLY B 289 9.37 6.95 -26.45
CA GLY B 289 9.46 8.30 -25.86
C GLY B 289 8.22 9.11 -26.13
N ARG B 290 8.10 10.21 -25.43
CA ARG B 290 6.95 11.12 -25.64
C ARG B 290 7.49 12.52 -25.86
N ILE B 291 6.95 13.22 -26.87
CA ILE B 291 7.52 14.53 -27.25
C ILE B 291 6.46 15.60 -27.07
N PRO B 292 6.87 16.79 -26.61
CA PRO B 292 5.93 17.90 -26.39
C PRO B 292 5.16 18.23 -27.67
N ARG B 293 3.87 18.52 -27.54
CA ARG B 293 2.99 18.79 -28.70
C ARG B 293 2.93 20.28 -28.96
N THR B 294 3.89 20.80 -29.73
CA THR B 294 4.03 22.26 -29.97
C THR B 294 3.83 22.56 -31.47
N ASN B 295 3.89 21.56 -32.32
CA ASN B 295 3.82 21.69 -33.79
C ASN B 295 2.59 22.46 -34.24
N ASP B 296 1.45 22.19 -33.62
CA ASP B 296 0.11 22.66 -34.07
C ASP B 296 -0.16 24.04 -33.48
N LEU B 297 0.68 24.51 -32.56
CA LEU B 297 0.37 25.74 -31.78
C LEU B 297 0.75 27.00 -32.57
N GLN B 298 1.48 26.87 -33.69
CA GLN B 298 1.91 28.03 -34.54
C GLN B 298 2.61 29.07 -33.64
N LEU B 299 3.52 28.60 -32.79
CA LEU B 299 4.18 29.46 -31.77
C LEU B 299 5.07 30.49 -32.48
N GLY B 300 5.54 30.21 -33.70
CA GLY B 300 6.11 31.22 -34.63
C GLY B 300 5.32 32.52 -34.70
N ASN B 301 3.99 32.51 -34.47
CA ASN B 301 3.16 33.74 -34.59
C ASN B 301 3.45 34.72 -33.44
N VAL B 302 4.06 34.26 -32.34
CA VAL B 302 4.23 35.12 -31.15
C VAL B 302 5.68 35.06 -30.66
N GLY B 303 6.48 34.11 -31.16
CA GLY B 303 7.91 34.04 -30.83
C GLY B 303 8.16 33.44 -29.45
N VAL B 304 7.30 32.50 -29.04
CA VAL B 304 7.53 31.72 -27.78
C VAL B 304 8.77 30.86 -27.96
N LYS B 305 9.67 30.88 -27.00
CA LYS B 305 10.95 30.17 -27.16
C LYS B 305 10.76 28.66 -26.98
N LEU B 306 11.11 27.86 -27.99
CA LEU B 306 11.12 26.37 -27.94
C LEU B 306 12.55 25.88 -27.76
N THR B 307 12.70 24.67 -27.22
CA THR B 307 13.99 23.92 -27.17
C THR B 307 14.12 23.18 -28.51
N PRO B 308 15.33 22.80 -28.97
CA PRO B 308 15.47 21.94 -30.16
C PRO B 308 14.55 20.69 -30.15
N LYS B 309 14.43 20.05 -28.99
CA LYS B 309 13.45 18.98 -28.63
C LYS B 309 12.02 19.32 -29.10
N GLY B 310 11.61 20.58 -28.96
CA GLY B 310 10.24 21.05 -29.25
C GLY B 310 9.42 21.34 -28.01
N GLY B 311 10.01 21.32 -26.81
CA GLY B 311 9.33 21.76 -25.58
C GLY B 311 9.25 23.26 -25.49
N VAL B 312 8.31 23.77 -24.70
CA VAL B 312 8.26 25.22 -24.42
C VAL B 312 9.20 25.48 -23.26
N GLN B 313 10.18 26.36 -23.45
CA GLN B 313 11.12 26.68 -22.37
C GLN B 313 10.38 27.54 -21.37
N VAL B 314 10.57 27.29 -20.08
CA VAL B 314 9.87 28.07 -19.03
C VAL B 314 10.86 28.35 -17.91
N ASP B 315 10.62 29.42 -17.18
CA ASP B 315 11.33 29.67 -15.91
C ASP B 315 10.68 28.70 -14.88
N GLU B 316 11.07 28.82 -13.61
CA GLU B 316 10.58 27.92 -12.53
C GLU B 316 9.11 28.22 -12.22
N PHE B 317 8.60 29.38 -12.67
CA PHE B 317 7.20 29.80 -12.48
C PHE B 317 6.35 29.47 -13.72
N SER B 318 6.88 28.70 -14.67
CA SER B 318 6.13 28.23 -15.86
C SER B 318 5.86 29.41 -16.82
N ARG B 319 6.73 30.42 -16.81
CA ARG B 319 6.63 31.60 -17.70
C ARG B 319 7.49 31.37 -18.96
N THR B 320 6.90 31.63 -20.13
CA THR B 320 7.65 31.63 -21.41
C THR B 320 8.42 32.96 -21.46
N ASN B 321 9.20 33.16 -22.52
CA ASN B 321 9.90 34.43 -22.81
C ASN B 321 8.87 35.52 -23.16
N VAL B 322 7.63 35.15 -23.49
CA VAL B 322 6.57 36.13 -23.84
C VAL B 322 5.72 36.43 -22.61
N PRO B 323 5.67 37.71 -22.16
CA PRO B 323 4.80 38.08 -21.05
C PRO B 323 3.35 37.63 -21.35
N ASN B 324 2.64 37.17 -20.33
CA ASN B 324 1.21 36.76 -20.43
C ASN B 324 1.06 35.41 -21.14
N ILE B 325 2.13 34.72 -21.55
CA ILE B 325 2.03 33.35 -22.13
C ILE B 325 2.86 32.41 -21.27
N TYR B 326 2.23 31.35 -20.78
CA TYR B 326 2.80 30.41 -19.80
C TYR B 326 2.68 29.00 -20.38
N ALA B 327 3.46 28.07 -19.85
CA ALA B 327 3.30 26.65 -20.25
C ALA B 327 3.46 25.77 -19.02
N ILE B 328 2.62 24.75 -18.91
CA ILE B 328 2.75 23.75 -17.82
C ILE B 328 2.55 22.35 -18.42
N GLY B 329 3.01 21.35 -17.67
CA GLY B 329 2.81 19.93 -17.96
C GLY B 329 3.82 19.44 -18.97
N ASP B 330 3.46 18.39 -19.68
CA ASP B 330 4.40 17.62 -20.51
C ASP B 330 4.97 18.57 -21.58
N ILE B 331 4.19 19.52 -22.07
CA ILE B 331 4.69 20.44 -23.14
C ILE B 331 6.01 21.10 -22.69
N THR B 332 6.30 21.13 -21.38
CA THR B 332 7.52 21.78 -20.83
C THR B 332 8.64 20.75 -20.71
N ASP B 333 8.34 19.46 -20.87
CA ASP B 333 9.31 18.33 -20.80
C ASP B 333 10.08 18.32 -19.46
N ARG B 334 9.51 18.77 -18.34
CA ARG B 334 10.23 18.67 -17.04
C ARG B 334 10.01 17.27 -16.41
N LEU B 335 8.84 16.96 -15.85
CA LEU B 335 8.51 15.59 -15.35
C LEU B 335 7.14 15.22 -15.90
N MET B 336 7.02 14.18 -16.70
CA MET B 336 5.74 13.92 -17.40
C MET B 336 4.86 13.01 -16.53
N LEU B 337 4.27 13.62 -15.51
CA LEU B 337 3.35 12.97 -14.54
C LEU B 337 2.15 13.88 -14.38
N THR B 338 0.98 13.29 -14.25
CA THR B 338 -0.29 14.02 -14.11
C THR B 338 -0.22 14.91 -12.86
N PRO B 339 0.15 14.39 -11.68
CA PRO B 339 0.12 15.22 -10.47
C PRO B 339 1.10 16.40 -10.55
N VAL B 340 2.16 16.25 -11.32
CA VAL B 340 3.13 17.36 -11.54
C VAL B 340 2.50 18.42 -12.45
N ALA B 341 1.93 18.01 -13.57
CA ALA B 341 1.17 18.92 -14.45
C ALA B 341 0.15 19.67 -13.61
N ILE B 342 -0.54 18.95 -12.74
CA ILE B 342 -1.61 19.58 -11.92
C ILE B 342 -0.94 20.61 -11.00
N ASN B 343 0.17 20.21 -10.37
CA ASN B 343 0.84 21.08 -9.39
C ASN B 343 1.35 22.33 -10.12
N GLU B 344 1.90 22.17 -11.31
CA GLU B 344 2.40 23.31 -12.13
C GLU B 344 1.24 24.28 -12.47
N GLY B 345 0.10 23.72 -12.86
CA GLY B 345 -1.10 24.52 -13.21
C GLY B 345 -1.59 25.33 -12.05
N ALA B 346 -1.74 24.70 -10.89
CA ALA B 346 -2.16 25.38 -9.65
C ALA B 346 -1.14 26.46 -9.27
N ALA B 347 0.17 26.17 -9.33
CA ALA B 347 1.23 27.11 -8.88
C ALA B 347 1.22 28.35 -9.80
N LEU B 348 1.08 28.12 -11.10
CA LEU B 348 1.02 29.18 -12.13
C LEU B 348 -0.14 30.12 -11.83
N VAL B 349 -1.33 29.56 -11.65
CA VAL B 349 -2.57 30.39 -11.43
C VAL B 349 -2.43 31.15 -10.10
N ASP B 350 -1.90 30.50 -9.05
CA ASP B 350 -1.68 31.17 -7.75
C ASP B 350 -0.75 32.39 -7.97
N THR B 351 0.32 32.18 -8.73
CA THR B 351 1.40 33.17 -8.95
C THR B 351 0.82 34.36 -9.71
N VAL B 352 0.13 34.09 -10.82
CA VAL B 352 -0.32 35.09 -11.80
C VAL B 352 -1.59 35.77 -11.30
N PHE B 353 -2.60 35.02 -10.90
CA PHE B 353 -3.92 35.58 -10.55
C PHE B 353 -4.05 35.77 -9.04
N GLY B 354 -3.27 35.03 -8.22
CA GLY B 354 -3.32 35.20 -6.75
C GLY B 354 -2.27 36.17 -6.21
N ASN B 355 -1.27 36.56 -7.00
CA ASN B 355 -0.02 37.20 -6.50
C ASN B 355 0.47 36.43 -5.26
N LYS B 356 0.40 35.08 -5.34
CA LYS B 356 0.88 34.15 -4.29
C LYS B 356 1.96 33.33 -4.98
N PRO B 357 3.20 33.86 -5.02
CA PRO B 357 4.24 33.32 -5.87
C PRO B 357 4.61 31.92 -5.39
N ARG B 358 4.54 30.96 -6.30
CA ARG B 358 4.76 29.53 -6.00
C ARG B 358 5.30 28.85 -7.25
N LYS B 359 6.32 28.02 -7.07
CA LYS B 359 6.89 27.15 -8.12
C LYS B 359 6.79 25.70 -7.67
N THR B 360 6.59 24.80 -8.61
CA THR B 360 6.51 23.35 -8.38
C THR B 360 7.92 22.82 -8.06
N ASP B 361 8.02 22.04 -6.98
CA ASP B 361 9.26 21.31 -6.65
C ASP B 361 9.21 20.01 -7.43
N HIS B 362 10.12 19.84 -8.38
CA HIS B 362 10.23 18.63 -9.23
C HIS B 362 11.18 17.60 -8.60
N THR B 363 11.68 17.87 -7.41
CA THR B 363 12.49 16.89 -6.64
C THR B 363 11.54 16.15 -5.71
N ARG B 364 11.93 14.93 -5.36
CA ARG B 364 11.30 14.15 -4.26
C ARG B 364 9.85 13.87 -4.58
N VAL B 365 9.62 13.63 -5.86
CA VAL B 365 8.26 13.36 -6.39
C VAL B 365 8.10 11.85 -6.36
N ALA B 366 7.17 11.39 -5.55
CA ALA B 366 6.75 9.98 -5.51
C ALA B 366 6.15 9.62 -6.88
N SER B 367 6.52 8.45 -7.40
CA SER B 367 5.95 7.95 -8.66
C SER B 367 5.91 6.42 -8.59
N ALA B 368 5.29 5.84 -9.59
CA ALA B 368 5.06 4.40 -9.65
C ALA B 368 5.25 3.88 -11.06
N VAL B 369 5.57 2.60 -11.13
CA VAL B 369 5.45 1.81 -12.38
C VAL B 369 4.53 0.64 -12.06
N PHE B 370 3.44 0.53 -12.80
CA PHE B 370 2.44 -0.54 -12.61
C PHE B 370 2.85 -1.71 -13.48
N SER B 371 4.10 -2.10 -13.29
CA SER B 371 4.57 -3.44 -13.62
C SER B 371 3.90 -4.45 -12.71
N ILE B 372 4.13 -5.71 -13.01
CA ILE B 372 3.64 -6.83 -12.20
C ILE B 372 4.88 -7.63 -11.83
N PRO B 373 5.34 -7.52 -10.56
CA PRO B 373 4.80 -6.59 -9.57
C PRO B 373 5.27 -5.15 -9.74
N PRO B 374 4.65 -4.19 -9.03
CA PRO B 374 4.88 -2.77 -9.27
C PRO B 374 6.08 -2.16 -8.54
N ILE B 375 6.44 -0.96 -8.97
CA ILE B 375 7.52 -0.12 -8.38
C ILE B 375 6.89 1.10 -7.74
N GLY B 376 7.41 1.52 -6.62
CA GLY B 376 7.10 2.82 -6.04
C GLY B 376 8.39 3.45 -5.67
N THR B 377 8.59 4.70 -6.03
CA THR B 377 9.90 5.38 -5.83
C THR B 377 9.66 6.83 -5.47
N CYS B 378 10.60 7.40 -4.73
CA CYS B 378 10.63 8.83 -4.43
C CYS B 378 12.06 9.26 -4.19
N GLY B 379 12.52 10.26 -4.92
CA GLY B 379 13.88 10.83 -4.72
C GLY B 379 14.95 10.10 -5.48
N LEU B 380 16.19 10.25 -5.03
CA LEU B 380 17.40 9.94 -5.82
C LEU B 380 17.71 8.44 -5.74
N ILE B 381 18.14 7.89 -6.86
CA ILE B 381 18.81 6.56 -6.89
C ILE B 381 20.24 6.77 -6.40
N GLU B 382 20.85 5.71 -5.91
CA GLU B 382 22.16 5.83 -5.20
C GLU B 382 23.25 6.41 -6.13
N GLU B 383 23.31 5.96 -7.39
CA GLU B 383 24.34 6.40 -8.38
C GLU B 383 24.32 7.93 -8.48
N VAL B 384 23.13 8.50 -8.50
CA VAL B 384 22.95 9.97 -8.62
C VAL B 384 23.35 10.61 -7.29
N ALA B 385 22.88 10.06 -6.16
CA ALA B 385 23.20 10.65 -4.84
C ALA B 385 24.73 10.65 -4.66
N ALA B 386 25.39 9.59 -5.13
CA ALA B 386 26.83 9.33 -4.91
C ALA B 386 27.69 10.39 -5.59
N LYS B 387 27.20 11.02 -6.67
CA LYS B 387 27.91 12.12 -7.40
C LYS B 387 27.70 13.43 -6.66
N GLU B 388 26.66 13.55 -5.83
CA GLU B 388 26.25 14.83 -5.21
C GLU B 388 26.61 14.86 -3.72
N PHE B 389 26.90 13.71 -3.09
CA PHE B 389 27.17 13.63 -1.62
C PHE B 389 28.43 12.81 -1.37
N GLU B 390 29.28 13.32 -0.47
CA GLU B 390 30.56 12.67 -0.13
C GLU B 390 30.32 11.22 0.33
N LYS B 391 29.39 11.05 1.26
CA LYS B 391 29.07 9.75 1.88
C LYS B 391 27.58 9.45 1.66
N VAL B 392 27.30 8.35 0.98
CA VAL B 392 25.91 7.87 0.77
C VAL B 392 25.79 6.49 1.42
N ALA B 393 24.76 6.25 2.22
CA ALA B 393 24.46 4.90 2.74
C ALA B 393 23.26 4.33 1.98
N VAL B 394 23.31 3.04 1.70
CA VAL B 394 22.13 2.29 1.18
C VAL B 394 21.69 1.24 2.22
N TYR B 395 20.44 1.34 2.65
CA TYR B 395 19.77 0.34 3.51
C TYR B 395 18.90 -0.51 2.58
N MET B 396 19.16 -1.80 2.52
CA MET B 396 18.45 -2.68 1.58
C MET B 396 17.87 -3.87 2.32
N SER B 397 16.63 -4.22 1.95
CA SER B 397 15.95 -5.45 2.41
C SER B 397 15.35 -6.09 1.16
N SER B 398 15.74 -7.31 0.84
CA SER B 398 15.23 -8.00 -0.36
C SER B 398 14.98 -9.45 -0.01
N PHE B 399 13.82 -9.99 -0.37
CA PHE B 399 13.38 -11.36 0.02
C PHE B 399 12.07 -11.67 -0.71
N THR B 400 11.80 -12.95 -0.90
CA THR B 400 10.45 -13.43 -1.30
C THR B 400 9.53 -13.30 -0.10
N PRO B 401 8.47 -12.48 -0.14
CA PRO B 401 7.50 -12.46 0.93
C PRO B 401 6.97 -13.88 1.16
N LEU B 402 6.64 -14.18 2.41
CA LEU B 402 6.09 -15.51 2.79
C LEU B 402 4.84 -15.86 1.96
N MET B 403 3.91 -14.92 1.73
CA MET B 403 2.68 -15.24 0.96
C MET B 403 3.07 -15.77 -0.42
N HIS B 404 4.24 -15.37 -0.95
CA HIS B 404 4.68 -15.80 -2.30
C HIS B 404 5.49 -17.11 -2.29
N ASN B 405 5.94 -17.56 -1.13
CA ASN B 405 6.41 -18.97 -0.97
C ASN B 405 5.18 -19.89 -1.05
N ILE B 406 4.08 -19.51 -0.39
CA ILE B 406 2.80 -20.29 -0.46
C ILE B 406 2.16 -20.16 -1.85
N SER B 407 2.08 -18.97 -2.44
CA SER B 407 1.38 -18.75 -3.73
C SER B 407 2.07 -19.50 -4.87
N GLY B 408 3.35 -19.82 -4.76
CA GLY B 408 4.17 -20.45 -5.81
C GLY B 408 4.88 -19.42 -6.71
N SER B 409 4.65 -18.12 -6.51
CA SER B 409 5.42 -17.05 -7.20
C SER B 409 6.70 -16.71 -6.41
N LYS B 410 7.60 -17.69 -6.22
CA LYS B 410 8.79 -17.52 -5.34
C LYS B 410 9.78 -16.53 -5.98
N TYR B 411 9.59 -16.20 -7.24
CA TYR B 411 10.41 -15.23 -8.00
C TYR B 411 10.06 -13.79 -7.60
N LYS B 412 8.94 -13.59 -6.90
CA LYS B 412 8.45 -12.22 -6.59
C LYS B 412 9.21 -11.68 -5.38
N LYS B 413 10.47 -11.33 -5.58
CA LYS B 413 11.34 -10.73 -4.54
C LYS B 413 10.85 -9.32 -4.31
N PHE B 414 10.47 -9.01 -3.09
CA PHE B 414 10.25 -7.63 -2.62
C PHE B 414 11.63 -6.97 -2.48
N VAL B 415 11.73 -5.71 -2.90
CA VAL B 415 12.95 -4.90 -2.68
C VAL B 415 12.52 -3.62 -1.99
N ALA B 416 13.17 -3.27 -0.88
CA ALA B 416 13.03 -1.96 -0.22
C ALA B 416 14.42 -1.39 -0.03
N LYS B 417 14.68 -0.21 -0.60
CA LYS B 417 16.00 0.46 -0.47
C LYS B 417 15.78 1.89 -0.03
N ILE B 418 16.49 2.29 1.03
CA ILE B 418 16.54 3.70 1.47
C ILE B 418 17.97 4.19 1.21
N VAL B 419 18.09 5.31 0.50
CA VAL B 419 19.39 5.97 0.17
C VAL B 419 19.50 7.20 1.07
N THR B 420 20.60 7.35 1.80
CA THR B 420 20.76 8.51 2.72
C THR B 420 22.04 9.28 2.37
N ASN B 421 22.01 10.55 2.76
CA ASN B 421 23.22 11.35 3.08
C ASN B 421 23.78 10.81 4.41
N HIS B 422 24.78 9.93 4.34
CA HIS B 422 25.33 9.28 5.57
C HIS B 422 25.92 10.30 6.56
N SER B 423 26.28 11.51 6.11
CA SER B 423 26.82 12.59 6.98
C SER B 423 25.78 13.02 8.00
N ASP B 424 24.49 13.06 7.66
CA ASP B 424 23.45 13.49 8.64
C ASP B 424 22.26 12.53 8.73
N GLY B 425 22.22 11.47 7.91
CA GLY B 425 21.14 10.46 7.90
C GLY B 425 19.93 10.89 7.08
N THR B 426 20.00 12.04 6.41
CA THR B 426 18.85 12.57 5.63
C THR B 426 18.52 11.57 4.51
N VAL B 427 17.25 11.17 4.41
CA VAL B 427 16.80 10.24 3.33
C VAL B 427 16.76 11.00 1.99
N LEU B 428 17.49 10.53 1.00
CA LEU B 428 17.58 11.13 -0.36
C LEU B 428 16.66 10.41 -1.34
N GLY B 429 16.40 9.13 -1.10
CA GLY B 429 15.65 8.28 -2.03
C GLY B 429 15.12 7.04 -1.33
N VAL B 430 13.90 6.65 -1.73
CA VAL B 430 13.29 5.39 -1.26
C VAL B 430 12.78 4.68 -2.51
N HIS B 431 13.09 3.41 -2.64
CA HIS B 431 12.82 2.64 -3.86
C HIS B 431 12.25 1.29 -3.45
N LEU B 432 11.07 0.98 -3.98
CA LEU B 432 10.30 -0.23 -3.61
C LEU B 432 9.91 -0.98 -4.86
N LEU B 433 10.06 -2.29 -4.79
CA LEU B 433 9.50 -3.21 -5.80
C LEU B 433 8.72 -4.27 -5.06
N GLY B 434 7.46 -4.47 -5.46
CA GLY B 434 6.62 -5.52 -4.88
C GLY B 434 5.18 -5.06 -4.72
N ASP B 435 4.28 -5.99 -4.45
CA ASP B 435 2.83 -5.72 -4.28
C ASP B 435 2.70 -4.55 -3.30
N GLY B 436 1.89 -3.54 -3.62
CA GLY B 436 1.62 -2.41 -2.72
C GLY B 436 2.60 -1.26 -2.84
N ALA B 437 3.67 -1.44 -3.60
CA ALA B 437 4.75 -0.41 -3.67
C ALA B 437 4.18 0.98 -3.99
N PRO B 438 3.29 1.18 -4.99
CA PRO B 438 2.80 2.52 -5.29
C PRO B 438 2.01 3.17 -4.13
N GLU B 439 1.32 2.35 -3.34
CA GLU B 439 0.51 2.73 -2.16
C GLU B 439 1.45 3.05 -1.01
N ILE B 440 2.53 2.29 -0.86
CA ILE B 440 3.48 2.51 0.27
C ILE B 440 4.17 3.85 0.09
N ILE B 441 4.58 4.17 -1.14
CA ILE B 441 5.56 5.27 -1.41
C ILE B 441 4.90 6.63 -1.20
N GLN B 442 3.57 6.74 -1.26
CA GLN B 442 2.90 8.07 -1.23
C GLN B 442 3.31 8.84 0.02
N ALA B 443 3.11 8.25 1.22
CA ALA B 443 3.37 8.96 2.48
C ALA B 443 4.89 9.07 2.66
N VAL B 444 5.68 8.32 1.93
CA VAL B 444 7.16 8.50 1.89
C VAL B 444 7.48 9.85 1.23
N GLY B 445 6.73 10.24 0.19
CA GLY B 445 6.82 11.59 -0.38
C GLY B 445 6.70 12.66 0.70
N VAL B 446 5.78 12.49 1.65
CA VAL B 446 5.52 13.48 2.72
C VAL B 446 6.74 13.46 3.65
N CYS B 447 7.32 12.27 3.88
CA CYS B 447 8.53 12.10 4.73
C CYS B 447 9.73 12.89 4.17
N LEU B 448 9.95 12.79 2.87
CA LEU B 448 11.09 13.46 2.18
C LEU B 448 10.84 14.96 2.16
N ARG B 449 9.59 15.40 2.11
CA ARG B 449 9.31 16.86 2.20
C ARG B 449 9.69 17.35 3.60
N LEU B 450 9.55 16.51 4.62
CA LEU B 450 9.86 16.86 6.04
C LEU B 450 11.34 16.55 6.38
N ASN B 451 12.17 16.30 5.38
CA ASN B 451 13.62 16.01 5.57
C ASN B 451 13.77 14.85 6.56
N ALA B 452 12.98 13.80 6.43
CA ALA B 452 13.10 12.61 7.28
C ALA B 452 14.52 12.06 7.15
N LYS B 453 15.03 11.55 8.26
CA LYS B 453 16.31 10.82 8.34
C LYS B 453 16.00 9.34 8.50
N ILE B 454 16.99 8.49 8.29
CA ILE B 454 16.84 7.02 8.49
C ILE B 454 16.41 6.75 9.92
N SER B 455 16.88 7.53 10.89
CA SER B 455 16.49 7.33 12.31
C SER B 455 14.98 7.57 12.49
N ASP B 456 14.40 8.50 11.74
CA ASP B 456 12.92 8.75 11.76
C ASP B 456 12.19 7.51 11.25
N PHE B 457 12.71 6.87 10.23
CA PHE B 457 12.13 5.58 9.73
C PHE B 457 12.27 4.45 10.75
N TYR B 458 13.48 4.17 11.26
N TYR B 458 13.49 4.18 11.23
CA TYR B 458 13.68 2.96 12.10
CA TYR B 458 13.77 3.02 12.12
C TYR B 458 13.14 3.18 13.51
C TYR B 458 12.99 3.19 13.43
N ASN B 459 12.93 4.41 13.96
CA ASN B 459 12.30 4.67 15.29
C ASN B 459 10.79 4.67 15.20
N THR B 460 10.23 4.74 14.01
CA THR B 460 8.77 4.58 13.83
C THR B 460 8.43 3.10 14.03
N ILE B 461 7.34 2.86 14.73
CA ILE B 461 6.86 1.49 14.97
C ILE B 461 6.22 0.92 13.70
N GLY B 462 6.66 -0.26 13.31
CA GLY B 462 6.14 -1.01 12.16
C GLY B 462 4.66 -1.32 12.30
N VAL B 463 3.97 -1.39 11.17
CA VAL B 463 2.64 -2.06 11.05
C VAL B 463 2.93 -3.46 10.55
N HIS B 464 2.45 -4.48 11.26
CA HIS B 464 2.84 -5.87 10.95
C HIS B 464 1.59 -6.72 10.86
N PRO B 465 1.50 -7.66 9.89
CA PRO B 465 2.50 -7.84 8.84
C PRO B 465 2.15 -7.04 7.58
N THR B 466 3.17 -6.33 7.10
CA THR B 466 3.09 -5.55 5.85
C THR B 466 4.42 -5.69 5.11
N SER B 467 4.39 -5.35 3.84
CA SER B 467 5.65 -5.08 3.11
C SER B 467 6.26 -3.75 3.59
N ALA B 468 5.43 -2.74 3.83
CA ALA B 468 5.88 -1.38 4.19
C ALA B 468 6.79 -1.39 5.41
N GLU B 469 6.52 -2.26 6.40
CA GLU B 469 7.27 -2.19 7.67
C GLU B 469 8.77 -2.44 7.44
N GLU B 470 9.19 -3.01 6.30
CA GLU B 470 10.63 -3.13 5.96
C GLU B 470 11.27 -1.75 6.09
N LEU B 471 10.55 -0.70 5.73
CA LEU B 471 11.12 0.68 5.71
C LEU B 471 11.49 1.13 7.12
N CYS B 472 10.89 0.55 8.15
CA CYS B 472 10.98 0.96 9.57
C CYS B 472 11.77 -0.07 10.38
N SER B 473 12.41 -1.02 9.70
CA SER B 473 13.18 -2.12 10.32
C SER B 473 14.67 -2.08 9.95
N MET B 474 15.13 -1.08 9.21
CA MET B 474 16.54 -1.01 8.76
C MET B 474 17.30 -0.01 9.61
N ARG B 475 18.23 -0.53 10.41
CA ARG B 475 19.08 0.12 11.45
C ARG B 475 20.47 0.39 10.83
N THR B 476 20.95 -0.52 9.98
CA THR B 476 22.35 -0.69 9.56
C THR B 476 22.49 -0.67 8.05
N PRO B 477 23.37 0.19 7.48
CA PRO B 477 23.60 0.21 6.04
C PRO B 477 24.04 -1.16 5.49
N SER B 478 23.57 -1.50 4.28
CA SER B 478 24.01 -2.68 3.51
C SER B 478 25.32 -2.37 2.79
N TYR B 479 25.49 -1.16 2.28
CA TYR B 479 26.78 -0.69 1.69
C TYR B 479 26.77 0.85 1.66
N TYR B 480 27.85 1.40 1.13
CA TYR B 480 28.07 2.87 1.05
C TYR B 480 28.64 3.23 -0.31
N TYR B 481 28.53 4.52 -0.65
CA TYR B 481 29.37 5.25 -1.62
C TYR B 481 30.07 6.37 -0.85
N VAL B 482 31.38 6.39 -1.00
CA VAL B 482 32.30 7.41 -0.42
C VAL B 482 32.99 8.06 -1.61
N LYS B 483 32.83 9.38 -1.80
CA LYS B 483 33.38 10.15 -2.94
C LYS B 483 33.06 9.44 -4.27
N GLY B 484 31.82 8.98 -4.46
CA GLY B 484 31.35 8.34 -5.71
C GLY B 484 31.71 6.86 -5.81
N GLU B 485 32.44 6.29 -4.84
CA GLU B 485 32.91 4.87 -4.93
C GLU B 485 32.17 3.99 -3.93
N LYS B 486 31.71 2.85 -4.41
CA LYS B 486 30.90 1.87 -3.64
C LYS B 486 31.86 1.06 -2.74
N MET B 487 31.50 0.92 -1.46
CA MET B 487 32.26 0.16 -0.44
C MET B 487 31.29 -0.79 0.29
N GLU B 488 31.66 -1.94 0.00
CA GLU B 488 30.95 -2.82 0.98
C GLU B 488 31.40 -2.45 2.41
PA FAD C . 4.42 -13.27 22.63
O1A FAD C . 4.86 -13.00 21.24
O2A FAD C . 3.00 -13.62 22.91
O5B FAD C . 5.46 -14.28 23.28
C5B FAD C . 5.17 -14.86 24.58
C4B FAD C . 5.81 -16.23 24.63
O4B FAD C . 6.01 -16.60 26.02
C3B FAD C . 4.98 -17.37 24.00
O3B FAD C . 5.78 -17.95 22.97
C2B FAD C . 4.73 -18.35 25.17
O2B FAD C . 4.96 -19.68 24.79
C1B FAD C . 5.83 -17.99 26.16
N9A FAD C . 5.54 -18.25 27.59
C8A FAD C . 4.41 -17.89 28.29
N7A FAD C . 4.50 -18.20 29.56
C5A FAD C . 5.75 -18.77 29.71
C6A FAD C . 6.45 -19.29 30.81
N6A FAD C . 5.97 -19.29 32.05
N1A FAD C . 7.71 -19.76 30.61
C2A FAD C . 8.21 -19.74 29.36
N3A FAD C . 7.65 -19.27 28.24
C4A FAD C . 6.41 -18.80 28.49
N1 FAD C . -0.15 -8.00 16.43
C2 FAD C . 0.21 -7.25 15.39
O2 FAD C . 1.07 -6.38 15.52
N3 FAD C . -0.33 -7.46 14.15
C4 FAD C . -1.24 -8.46 13.88
O4 FAD C . -1.66 -8.61 12.73
C4X FAD C . -1.63 -9.27 14.99
N5 FAD C . -2.50 -10.24 14.80
C5X FAD C . -2.81 -11.02 15.89
C6 FAD C . -3.72 -12.08 15.70
C7 FAD C . -4.06 -12.93 16.73
C7M FAD C . -5.05 -14.05 16.49
C8 FAD C . -3.44 -12.77 17.99
C8M FAD C . -3.78 -13.70 19.13
C9 FAD C . -2.59 -11.71 18.21
C9A FAD C . -2.23 -10.83 17.16
N10 FAD C . -1.34 -9.78 17.32
C10 FAD C . -1.00 -8.97 16.25
C1' FAD C . -0.72 -9.53 18.64
C2' FAD C . 0.67 -10.09 18.77
O2' FAD C . 0.64 -11.54 18.58
C3' FAD C . 1.23 -9.78 20.15
O3' FAD C . 1.06 -8.39 20.49
C4' FAD C . 2.68 -10.18 20.37
O4' FAD C . 2.90 -11.56 19.99
C5' FAD C . 3.07 -9.95 21.82
O5' FAD C . 4.47 -10.16 21.95
P FAD C . 5.07 -10.49 23.37
O1P FAD C . 4.26 -9.75 24.37
O2P FAD C . 6.54 -10.37 23.23
O3P FAD C . 4.68 -12.02 23.57
S DMS D . -16.85 -15.63 -13.51
O DMS D . -16.92 -16.03 -14.97
C1 DMS D . -15.17 -15.16 -13.23
C2 DMS D . -16.85 -17.09 -12.51
S DMS E . -20.81 1.48 20.92
O DMS E . -20.87 2.11 19.57
C1 DMS E . -19.61 2.43 21.85
C2 DMS E . -19.92 -0.04 20.79
S DMS F . 4.54 -29.34 19.26
O DMS F . 5.07 -28.99 20.62
C1 DMS F . 3.45 -30.73 19.50
C2 DMS F . 5.86 -30.24 18.47
S DMS G . -6.28 0.83 17.87
O DMS G . -5.63 -0.16 18.78
C1 DMS G . -5.78 2.42 18.45
C2 DMS G . -7.96 0.90 18.38
S DMS H . -21.50 -10.33 -3.16
O DMS H . -20.85 -11.59 -3.68
C1 DMS H . -21.53 -9.17 -4.52
C2 DMS H . -20.26 -9.54 -2.18
S DMS I . -11.82 21.71 24.88
O DMS I . -10.38 21.75 25.32
C1 DMS I . -12.74 22.68 26.04
C2 DMS I . -12.44 20.10 25.34
S DMS J . 11.99 -27.91 15.72
O DMS J . 10.57 -28.39 15.48
C1 DMS J . 11.95 -26.14 15.56
C2 DMS J . 12.90 -28.31 14.24
N1 O3J K . -9.51 11.45 -6.00
C4 O3J K . -8.56 12.49 -6.42
C5 O3J K . -7.09 12.07 -6.33
C6 O3J K . -6.12 13.18 -6.79
C7 O3J K . -6.25 13.52 -8.26
C8 O3J K . -5.54 12.82 -9.21
C10 O3J K . -6.51 14.14 -10.97
C13 O3J K . -10.85 12.03 -5.77
N O3J K . -11.88 9.84 -6.21
C O3J K . -14.33 9.91 -6.38
O O3J K . -12.96 8.25 -7.37
C1 O3J K . -13.01 9.28 -6.70
C11 O3J K . -7.21 14.85 -10.03
C12 O3J K . -7.10 14.55 -8.68
C14 O3J K . -11.82 10.98 -5.29
C2 O3J K . -10.55 9.29 -6.52
C3 O3J K . -9.62 10.37 -6.99
C9 O3J K . -5.67 13.13 -10.57
MG MG L . 23.53 -19.94 21.04
PA FAD M . -2.40 16.21 -21.23
O1A FAD M . -1.79 15.29 -22.21
O2A FAD M . -3.16 15.61 -20.09
O5B FAD M . -3.50 17.11 -21.99
C5B FAD M . -3.19 17.75 -23.24
C4B FAD M . -4.48 17.96 -23.98
O4B FAD M . -4.31 18.94 -25.02
C3B FAD M . -5.04 16.70 -24.66
O3B FAD M . -6.32 16.47 -24.07
C2B FAD M . -5.05 17.04 -26.16
O2B FAD M . -6.19 16.58 -26.85
C1B FAD M . -5.07 18.56 -26.15
N9A FAD M . -4.48 19.23 -27.30
C8A FAD M . -3.25 19.02 -27.88
N7A FAD M . -2.99 19.87 -28.84
C5A FAD M . -4.09 20.73 -28.86
C6A FAD M . -4.42 21.84 -29.65
N6A FAD M . -3.61 22.38 -30.55
N1A FAD M . -5.60 22.46 -29.39
C2A FAD M . -6.40 21.95 -28.45
N3A FAD M . -6.20 20.90 -27.67
C4A FAD M . -5.01 20.34 -27.92
N1 FAD M . 1.27 10.00 -15.34
C2 FAD M . 1.11 9.64 -14.06
O2 FAD M . 1.22 10.47 -13.15
N3 FAD M . 0.76 8.34 -13.71
C4 FAD M . 0.58 7.35 -14.65
O4 FAD M . 0.25 6.22 -14.29
C4X FAD M . 0.75 7.71 -16.00
N5 FAD M . 0.56 6.79 -16.91
C5X FAD M . 0.67 7.15 -18.22
C6 FAD M . 0.46 6.18 -19.21
C7 FAD M . 0.55 6.47 -20.55
C7M FAD M . 0.29 5.38 -21.57
C8 FAD M . 0.83 7.80 -20.94
C8M FAD M . 0.92 8.17 -22.41
C9 FAD M . 1.09 8.76 -19.99
C9A FAD M . 1.00 8.47 -18.61
N10 FAD M . 1.23 9.41 -17.60
C10 FAD M . 1.11 9.08 -16.27
C1' FAD M . 1.57 10.79 -17.94
C2' FAD M . 0.38 11.70 -17.89
O2' FAD M . -0.66 11.22 -18.75
C3' FAD M . 0.80 13.11 -18.36
O3' FAD M . 1.92 13.57 -17.64
C4' FAD M . -0.31 14.17 -18.22
O4' FAD M . -1.49 13.72 -18.87
C5' FAD M . 0.14 15.48 -18.79
O5' FAD M . -0.86 16.49 -18.51
P FAD M . -0.81 17.85 -19.32
O1P FAD M . -1.71 18.84 -18.72
O2P FAD M . 0.62 18.16 -19.65
O3P FAD M . -1.40 17.33 -20.75
S DMS N . -6.14 -24.35 -9.85
O DMS N . -7.09 -25.46 -9.42
C1 DMS N . -6.79 -22.85 -9.18
C2 DMS N . -6.45 -24.03 -11.57
S DMS O . 6.28 37.28 -33.14
O DMS O . 7.79 37.12 -33.27
C1 DMS O . 5.62 37.80 -34.71
C2 DMS O . 6.00 38.79 -32.25
S DMS P . -14.58 10.96 -30.44
O DMS P . -14.13 11.37 -31.78
C1 DMS P . -15.81 9.69 -30.68
C2 DMS P . -15.64 12.27 -29.88
S DMS Q . -10.38 19.96 -11.43
O DMS Q . -11.88 20.01 -11.28
C1 DMS Q . -10.06 19.36 -13.06
C2 DMS Q . -9.80 18.52 -10.55
N1 O3J R . 10.62 -8.55 7.54
C4 O3J R . 10.14 -7.89 8.76
C5 O3J R . 11.15 -7.10 9.59
C6 O3J R . 10.46 -6.45 10.81
C7 O3J R . 9.82 -7.44 11.77
C8 O3J R . 8.45 -7.58 11.84
C10 O3J R . 8.66 -9.26 13.52
C13 O3J R . 12.00 -9.06 7.59
N O3J R . 11.39 -10.71 5.82
C O3J R . 10.52 -12.84 4.96
O O3J R . 12.82 -12.31 5.11
C1 O3J R . 11.66 -11.94 5.31
C11 O3J R . 10.03 -9.14 13.46
C12 O3J R . 10.61 -8.23 12.59
C14 O3J R . 12.38 -9.71 6.27
C2 O3J R . 10.02 -10.22 5.90
C3 O3J R . 9.74 -9.69 7.28
C9 O3J R . 7.87 -8.48 12.73
BR BR S . 21.83 0.34 -19.17
MG MG T . -19.24 27.03 -17.95
#